data_7QDI
#
_entry.id   7QDI
#
_cell.length_a   33.238
_cell.length_b   44.976
_cell.length_c   194.192
_cell.angle_alpha   90.000
_cell.angle_beta   90.000
_cell.angle_gamma   90.000
#
_symmetry.space_group_name_H-M   'P 21 2 21'
#
loop_
_entity.id
_entity.type
_entity.pdbx_description
1 polymer D-310HD
2 non-polymer 'TRIETHYLENE GLYCOL'
3 non-polymer 1,2-ETHANEDIOL
4 non-polymer 'SULFATE ION'
5 non-polymer DI(HYDROXYETHYL)ETHER
6 non-polymer 2-(2-METHOXYETHOXY)ETHANOL
7 non-polymer 1-(2-METHOXY-ETHOXY)-2-{2-[2-(2-METHOXY-ETHOXY]-ETHOXY}-ETHANE
8 non-polymer 'BORIC ACID'
9 non-polymer 'TETRAETHYLENE GLYCOL'
10 water water
#
_entity_poly.entity_id   1
_entity_poly.type   'polypeptide(D)'
_entity_poly.pdbx_seq_one_letter_code
;(ACE)G(DGL)(DLE)(AIB)(AIB)(DLE)(DLY)(DGL)(DLE)(AIB)(AIB)(DLE)(DLY)(DGL)(DLE)
(AIB)(AIB)(DLE)(DLY)(DGL)(DLE)(AIB)(AIB)(DLE)(DLY)(AIB)(AIB)(AIB)(BF7)(DLY)G
(NH2)
;
_entity_poly.pdbx_strand_id   A,B,C,D,E,F,G,H
#
loop_
_chem_comp.id
_chem_comp.type
_chem_comp.name
_chem_comp.formula
ACE non-polymer 'ACETYL GROUP' 'C2 H4 O'
BO3 non-polymer 'BORIC ACID' 'B H3 O3'
EDO non-polymer 1,2-ETHANEDIOL 'C2 H6 O2'
NH2 non-polymer 'AMINO GROUP' 'H2 N'
PEG non-polymer DI(HYDROXYETHYL)ETHER 'C4 H10 O3'
PG0 non-polymer 2-(2-METHOXYETHOXY)ETHANOL 'C5 H12 O3'
PG4 non-polymer 'TETRAETHYLENE GLYCOL' 'C8 H18 O5'
PG6 non-polymer 1-(2-METHOXY-ETHOXY)-2-{2-[2-(2-METHOXY-ETHOXY]-ETHOXY}-ETHANE 'C12 H26 O6'
PGE non-polymer 'TRIETHYLENE GLYCOL' 'C6 H14 O4'
SO4 non-polymer 'SULFATE ION' 'O4 S -2'
#
# COMPACT_ATOMS: atom_id res chain seq x y z
N GLY A 2 9.76 -4.39 25.88
CA GLY A 2 8.53 -4.43 26.73
C GLY A 2 7.74 -3.14 26.59
N DGL A 3 6.42 -3.22 26.70
CA DGL A 3 5.47 -2.12 26.35
C DGL A 3 5.23 -2.12 24.83
O DGL A 3 4.85 -1.07 24.25
CB DGL A 3 4.17 -2.25 27.16
CG DGL A 3 3.69 -3.68 27.43
CD DGL A 3 2.87 -3.89 28.72
OE1 DGL A 3 2.12 -4.88 28.81
OE2 DGL A 3 2.96 -3.04 29.62
N DLE A 4 5.44 -3.26 24.18
CA DLE A 4 5.38 -3.43 22.70
CB DLE A 4 5.14 -4.92 22.42
CG DLE A 4 3.82 -5.51 22.90
CD1 DLE A 4 2.70 -4.53 22.71
CD2 DLE A 4 3.50 -6.81 22.17
C DLE A 4 6.66 -2.93 22.00
O DLE A 4 6.87 -3.32 20.83
N AIB A 5 7.58 -2.31 22.73
CA AIB A 5 8.92 -1.89 22.21
C AIB A 5 8.70 -1.03 20.94
O AIB A 5 9.57 -1.01 20.06
CB1 AIB A 5 9.62 -1.02 23.25
CB2 AIB A 5 9.71 -3.14 21.86
N AIB A 6 7.57 -0.30 20.92
CA AIB A 6 7.12 0.62 19.83
C AIB A 6 7.21 -0.11 18.46
O AIB A 6 7.48 0.58 17.47
CB1 AIB A 6 5.65 0.96 20.10
CB2 AIB A 6 8.04 1.82 19.93
N DLE A 7 6.96 -1.43 18.41
CA DLE A 7 6.86 -2.20 17.16
CB DLE A 7 6.35 -3.60 17.48
CG DLE A 7 4.90 -3.70 17.93
CD1 DLE A 7 3.96 -2.77 17.18
CD2 DLE A 7 4.38 -5.12 17.83
C DLE A 7 8.22 -2.25 16.43
O DLE A 7 8.25 -2.61 15.25
N DLY A 8 9.32 -1.90 17.10
CA DLY A 8 10.65 -1.78 16.46
C DLY A 8 10.61 -0.69 15.38
O DLY A 8 11.42 -0.77 14.44
CB DLY A 8 11.72 -1.56 17.53
CG DLY A 8 12.37 -2.86 18.02
CD DLY A 8 12.83 -2.91 19.48
CE DLY A 8 14.08 -3.75 19.67
NZ DLY A 8 14.79 -3.34 20.90
N DGL A 9 9.68 0.26 15.49
CA DGL A 9 9.54 1.38 14.51
C DGL A 9 9.14 0.82 13.13
O DGL A 9 9.36 1.54 12.15
CB DGL A 9 8.51 2.41 15.03
CG DGL A 9 8.97 3.13 16.28
CD DGL A 9 8.05 4.24 16.82
OE1 DGL A 9 8.61 5.17 17.46
OE2 DGL A 9 6.81 4.21 16.57
N DLE A 10 8.61 -0.40 13.07
CA DLE A 10 8.22 -1.05 11.79
CB DLE A 10 7.48 -2.35 12.08
CG DLE A 10 6.11 -2.12 12.72
CD1 DLE A 10 5.21 -1.28 11.85
CD2 DLE A 10 5.41 -3.42 13.04
C DLE A 10 9.45 -1.25 10.89
O DLE A 10 9.26 -1.49 9.71
N AIB A 11 10.67 -1.16 11.44
CA AIB A 11 11.94 -1.12 10.63
C AIB A 11 11.78 -0.09 9.47
O AIB A 11 12.35 -0.33 8.41
CB1 AIB A 11 13.05 -0.69 11.57
CB2 AIB A 11 12.18 -2.51 10.05
N AIB A 12 11.03 0.99 9.70
CA AIB A 12 10.73 2.08 8.72
C AIB A 12 10.30 1.50 7.34
O AIB A 12 10.57 2.12 6.29
CB1 AIB A 12 9.56 2.90 9.24
CB2 AIB A 12 12.00 2.92 8.60
N DLE A 13 9.60 0.36 7.35
CA DLE A 13 9.02 -0.23 6.12
CB DLE A 13 8.07 -1.35 6.49
CG DLE A 13 6.85 -0.95 7.33
CD1 DLE A 13 6.05 0.25 6.81
CD2 DLE A 13 5.93 -2.12 7.47
C DLE A 13 10.14 -0.67 5.17
O DLE A 13 9.84 -0.83 3.98
N DLY A 14 11.37 -0.77 5.62
CA DLY A 14 12.55 -1.10 4.75
C DLY A 14 12.71 -0.02 3.66
O DLY A 14 13.29 -0.32 2.60
CB DLY A 14 13.82 -1.27 5.58
CG DLY A 14 13.86 -2.53 6.43
CD DLY A 14 15.22 -3.18 6.63
CE DLY A 14 15.14 -4.69 6.83
NZ DLY A 14 15.22 -5.09 8.27
N DGL A 15 12.19 1.18 3.91
CA DGL A 15 12.26 2.31 2.95
C DGL A 15 11.48 1.99 1.67
O DGL A 15 11.73 2.66 0.65
CB DGL A 15 11.75 3.58 3.62
CG DGL A 15 12.68 4.04 4.75
CD DGL A 15 12.29 5.34 5.43
OE1 DGL A 15 13.03 5.73 6.34
OE2 DGL A 15 11.26 5.94 5.08
N DLE A 16 10.56 1.01 1.72
CA DLE A 16 9.75 0.63 0.53
CB DLE A 16 8.67 -0.36 0.94
CG DLE A 16 7.58 0.26 1.78
CD1 DLE A 16 6.80 1.33 1.04
CD2 DLE A 16 6.65 -0.81 2.33
C DLE A 16 10.68 0.06 -0.56
O DLE A 16 10.20 -0.04 -1.67
N AIB A 17 11.93 -0.29 -0.24
CA AIB A 17 12.97 -0.64 -1.26
C AIB A 17 12.97 0.40 -2.40
O AIB A 17 13.25 0.02 -3.53
CB1 AIB A 17 14.34 -0.60 -0.59
CB2 AIB A 17 12.60 -2.01 -1.85
N AIB A 18 12.66 1.66 -2.09
CA AIB A 18 12.63 2.79 -3.07
C AIB A 18 11.75 2.39 -4.31
O AIB A 18 12.00 2.90 -5.40
CB1 AIB A 18 12.01 4.00 -2.37
CB2 AIB A 18 14.08 3.02 -3.49
N DLE A 19 10.72 1.58 -4.13
CA DLE A 19 9.75 1.24 -5.21
CB DLE A 19 8.59 0.48 -4.59
CG DLE A 19 7.74 1.33 -3.64
CD1 DLE A 19 7.36 2.66 -4.23
CD2 DLE A 19 6.46 0.60 -3.26
C DLE A 19 10.44 0.45 -6.35
O DLE A 19 9.88 0.43 -7.45
N DLY A 20 11.63 -0.10 -6.13
CA DLY A 20 12.42 -0.75 -7.21
C DLY A 20 12.78 0.23 -8.32
O DLY A 20 13.04 -0.21 -9.44
CB DLY A 20 13.63 -1.47 -6.63
CG DLY A 20 13.15 -2.81 -6.04
CD DLY A 20 14.12 -3.69 -5.33
CE DLY A 20 13.37 -4.92 -4.81
NZ DLY A 20 14.28 -5.99 -4.33
N DGL A 21 12.77 1.53 -8.04
CA DGL A 21 13.06 2.56 -9.06
C DGL A 21 11.99 2.60 -10.13
O DGL A 21 12.26 3.21 -11.21
CB DGL A 21 13.20 3.93 -8.41
CG DGL A 21 14.34 4.00 -7.41
CD DGL A 21 14.54 5.39 -6.80
OE1 DGL A 21 15.62 5.59 -6.17
OE2 DGL A 21 13.63 6.28 -7.00
N DLE A 22 10.80 2.03 -9.87
CA DLE A 22 9.72 2.01 -10.87
CB DLE A 22 8.47 1.43 -10.25
CG DLE A 22 7.70 2.34 -9.32
CD1 DLE A 22 7.10 3.53 -10.06
CD2 DLE A 22 6.61 1.56 -8.63
C DLE A 22 10.17 1.22 -12.11
O DLE A 22 9.52 1.37 -13.14
N AIB A 23 11.19 0.37 -11.98
CA AIB A 23 11.79 -0.39 -13.13
C AIB A 23 12.01 0.58 -14.31
O AIB A 23 11.81 0.13 -15.50
CB1 AIB A 23 13.16 -0.90 -12.68
CB2 AIB A 23 10.84 -1.50 -13.54
N AIB A 24 12.37 1.84 -14.00
CA AIB A 24 12.68 2.88 -15.03
C AIB A 24 11.55 2.95 -16.10
O AIB A 24 11.83 3.25 -17.30
CB1 AIB A 24 12.76 4.25 -14.36
CB2 AIB A 24 13.99 2.48 -15.68
N DLE A 25 10.30 2.77 -15.65
CA DLE A 25 9.09 2.97 -16.47
CB DLE A 25 7.88 2.66 -15.59
CG DLE A 25 7.01 3.78 -15.03
CD1 DLE A 25 6.98 3.79 -13.54
CD2 DLE A 25 7.29 5.13 -15.58
C DLE A 25 9.13 2.04 -17.69
O DLE A 25 8.55 2.40 -18.71
N DLY A 26 9.78 0.88 -17.57
CA DLY A 26 9.83 -0.07 -18.68
C DLY A 26 10.49 0.57 -19.92
O DLY A 26 10.13 0.15 -21.01
CB DLY A 26 10.54 -1.34 -18.23
CG DLY A 26 9.62 -2.30 -17.48
CD DLY A 26 10.45 -3.41 -16.85
CE DLY A 26 9.70 -4.56 -16.25
NZ DLY A 26 10.58 -5.22 -15.25
N AIB A 27 11.40 1.52 -19.73
CA AIB A 27 12.09 2.24 -20.86
C AIB A 27 11.02 2.73 -21.87
O AIB A 27 11.35 2.82 -23.05
CB1 AIB A 27 12.82 3.45 -20.29
CB2 AIB A 27 13.03 1.24 -21.56
N AIB A 28 9.84 3.10 -21.38
CA AIB A 28 8.72 3.66 -22.20
C AIB A 28 8.39 2.76 -23.41
O AIB A 28 7.97 3.28 -24.43
CB1 AIB A 28 7.47 3.76 -21.34
CB2 AIB A 28 9.19 5.03 -22.68
N AIB A 29 8.54 1.45 -23.24
CA AIB A 29 8.29 0.40 -24.28
C AIB A 29 9.11 0.75 -25.54
O AIB A 29 8.65 0.35 -26.62
CB1 AIB A 29 8.80 -0.94 -23.76
CB2 AIB A 29 6.80 0.41 -24.64
N BF7 A 30 10.19 1.51 -25.42
CA BF7 A 30 11.04 1.83 -26.52
C BF7 A 30 10.48 2.95 -27.40
O BF7 A 30 10.93 3.09 -28.56
CB BF7 A 30 12.36 2.32 -25.98
CG BF7 A 30 13.28 1.28 -25.37
CD1 BF7 A 30 12.92 -0.03 -25.19
CD2 BF7 A 30 14.54 1.71 -25.00
CE1 BF7 A 30 13.81 -0.92 -24.62
CE2 BF7 A 30 15.43 0.84 -24.45
CZ BF7 A 30 15.07 -0.47 -24.25
BR BF7 A 30 16.36 -1.67 -23.47
N DLY A 31 9.53 3.73 -26.87
CA DLY A 31 8.96 4.89 -27.64
C DLY A 31 8.22 4.43 -28.90
O DLY A 31 8.38 5.09 -29.95
CB DLY A 31 8.12 5.82 -26.77
CG DLY A 31 7.65 7.06 -27.50
CD DLY A 31 7.95 8.40 -26.88
CE DLY A 31 6.73 9.32 -26.89
NZ DLY A 31 6.77 10.38 -27.93
N GLY A 32 7.48 3.32 -28.90
CA GLY A 32 7.28 2.60 -30.19
C GLY A 32 8.00 3.28 -31.34
N DGL B 3 7.36 -10.75 26.57
CA DGL B 3 7.09 -9.35 26.06
C DGL B 3 6.47 -9.43 24.65
O DGL B 3 6.60 -8.43 23.89
CB DGL B 3 6.23 -8.61 27.07
CG DGL B 3 5.13 -7.68 26.51
CD DGL B 3 4.23 -7.08 27.58
OE1 DGL B 3 4.78 -6.76 28.68
OE2 DGL B 3 2.97 -6.94 27.35
N DLE B 4 5.86 -10.56 24.31
CA DLE B 4 5.31 -10.84 22.95
CB DLE B 4 4.31 -12.00 23.02
CG DLE B 4 3.08 -11.73 23.90
CD1 DLE B 4 2.57 -10.30 23.73
CD2 DLE B 4 1.97 -12.72 23.61
C DLE B 4 6.42 -11.19 21.95
O DLE B 4 6.07 -11.30 20.76
N AIB B 5 7.70 -11.24 22.36
CA AIB B 5 8.86 -11.38 21.42
C AIB B 5 8.77 -10.20 20.42
O AIB B 5 9.22 -10.35 19.27
CB1 AIB B 5 10.16 -11.24 22.19
CB2 AIB B 5 8.74 -12.71 20.66
N AIB B 6 8.24 -9.07 20.88
CA AIB B 6 8.10 -7.78 20.12
C AIB B 6 7.36 -8.05 18.79
O AIB B 6 7.66 -7.37 17.80
CB1 AIB B 6 7.27 -6.80 20.95
CB2 AIB B 6 9.52 -7.26 19.92
N DLE B 7 6.40 -8.98 18.78
CA DLE B 7 5.52 -9.25 17.62
CB DLE B 7 4.40 -10.21 18.03
CG DLE B 7 3.40 -9.67 19.04
CD1 DLE B 7 2.95 -8.27 18.65
CD2 DLE B 7 2.20 -10.59 19.17
C DLE B 7 6.32 -9.83 16.44
O DLE B 7 5.78 -9.82 15.32
N DLY B 8 7.56 -10.26 16.66
CA DLY B 8 8.47 -10.68 15.57
C DLY B 8 8.71 -9.48 14.63
O DLY B 8 9.03 -9.71 13.49
CB DLY B 8 9.78 -11.26 16.14
CG DLY B 8 10.86 -10.22 16.38
CD DLY B 8 12.18 -10.78 16.95
CE DLY B 8 12.96 -9.73 17.74
NZ DLY B 8 13.43 -10.18 19.08
N DGL B 9 8.57 -8.25 15.12
CA DGL B 9 8.80 -7.01 14.33
C DGL B 9 7.77 -6.93 13.21
O DGL B 9 8.04 -6.23 12.23
CB DGL B 9 8.78 -5.79 15.24
CG DGL B 9 9.92 -5.77 16.26
CD DGL B 9 11.34 -5.73 15.70
OE1 DGL B 9 12.23 -6.49 16.20
OE2 DGL B 9 11.56 -4.89 14.80
N DLE B 10 6.64 -7.63 13.30
CA DLE B 10 5.60 -7.66 12.24
CB DLE B 10 4.39 -8.44 12.72
CG DLE B 10 3.60 -7.76 13.82
CD1 DLE B 10 3.06 -6.42 13.36
CD2 DLE B 10 2.45 -8.67 14.26
C DLE B 10 6.17 -8.30 10.96
O DLE B 10 5.60 -8.10 9.90
N AIB B 11 7.30 -9.01 11.04
CA AIB B 11 8.04 -9.54 9.86
C AIB B 11 8.27 -8.37 8.89
O AIB B 11 8.27 -8.62 7.69
CB1 AIB B 11 9.39 -10.09 10.32
CB2 AIB B 11 7.21 -10.63 9.19
N AIB B 12 8.48 -7.15 9.40
CA AIB B 12 8.75 -5.91 8.60
C AIB B 12 7.70 -5.75 7.47
O AIB B 12 8.02 -5.16 6.42
CB1 AIB B 12 8.60 -4.68 9.51
CB2 AIB B 12 10.17 -6.02 8.06
N DLE B 13 6.46 -6.20 7.69
CA DLE B 13 5.35 -5.99 6.74
CB DLE B 13 4.05 -6.43 7.40
CG DLE B 13 3.63 -5.61 8.61
CD1 DLE B 13 3.24 -4.20 8.23
CD2 DLE B 13 2.46 -6.32 9.29
C DLE B 13 5.63 -6.76 5.44
O DLE B 13 5.02 -6.44 4.44
N DLY B 14 6.60 -7.70 5.42
CA DLY B 14 6.99 -8.43 4.21
C DLY B 14 7.56 -7.43 3.18
O DLY B 14 7.55 -7.74 1.99
CB DLY B 14 8.02 -9.52 4.54
CG DLY B 14 9.44 -8.99 4.67
CD DLY B 14 10.43 -9.99 5.20
CE DLY B 14 11.71 -9.35 5.72
NZ DLY B 14 12.92 -10.19 5.48
N DGL B 15 8.03 -6.27 3.62
CA DGL B 15 8.56 -5.21 2.76
C DGL B 15 7.46 -4.65 1.86
O DGL B 15 7.81 -4.03 0.85
CB DGL B 15 9.21 -4.10 3.58
CG DGL B 15 10.45 -4.57 4.30
CD DGL B 15 11.64 -4.97 3.44
OE1 DGL B 15 12.41 -5.86 3.90
OE2 DGL B 15 11.81 -4.40 2.33
N DLE B 16 6.19 -4.84 2.20
CA DLE B 16 5.07 -4.39 1.31
CB DLE B 16 3.73 -4.62 2.02
CG DLE B 16 3.50 -3.75 3.23
CD1 DLE B 16 3.32 -2.32 2.82
CD2 DLE B 16 2.30 -4.20 4.04
C DLE B 16 5.12 -5.14 -0.03
O DLE B 16 4.49 -4.71 -0.96
N AIB B 17 5.85 -6.25 -0.12
CA AIB B 17 6.10 -6.99 -1.40
C AIB B 17 6.63 -5.98 -2.42
O AIB B 17 6.37 -6.19 -3.61
CB1 AIB B 17 7.15 -8.07 -1.20
CB2 AIB B 17 4.79 -7.62 -1.90
N AIB B 18 7.35 -4.95 -2.00
CA AIB B 18 7.94 -3.91 -2.90
C AIB B 18 6.81 -3.30 -3.77
O AIB B 18 7.09 -2.83 -4.87
CB1 AIB B 18 8.56 -2.80 -2.04
CB2 AIB B 18 9.02 -4.60 -3.69
N DLE B 19 5.57 -3.23 -3.30
CA DLE B 19 4.44 -2.60 -4.04
CB DLE B 19 3.23 -2.55 -3.12
CG DLE B 19 3.37 -1.61 -1.93
CD1 DLE B 19 3.26 -0.20 -2.42
CD2 DLE B 19 2.31 -1.91 -0.88
C DLE B 19 4.13 -3.37 -5.35
O DLE B 19 3.49 -2.83 -6.23
N DLY B 20 4.62 -4.60 -5.51
CA DLY B 20 4.47 -5.38 -6.74
C DLY B 20 5.20 -4.67 -7.90
O DLY B 20 4.84 -4.95 -9.04
CB DLY B 20 5.08 -6.78 -6.55
CG DLY B 20 6.60 -6.78 -6.66
CD DLY B 20 7.19 -8.09 -6.30
CE DLY B 20 8.71 -8.13 -6.30
NZ DLY B 20 9.16 -9.46 -5.82
N DGL B 21 6.16 -3.78 -7.62
CA DGL B 21 6.88 -3.03 -8.66
C DGL B 21 5.92 -2.06 -9.35
O DGL B 21 6.32 -1.55 -10.41
CB DGL B 21 8.06 -2.27 -8.06
CG DGL B 21 9.08 -3.18 -7.43
CD DGL B 21 9.83 -4.08 -8.35
OE1 DGL B 21 10.04 -5.26 -7.96
OE2 DGL B 21 10.20 -3.57 -9.44
N DLE B 22 4.76 -1.74 -8.78
CA DLE B 22 3.77 -0.86 -9.46
CB DLE B 22 2.58 -0.64 -8.52
CG DLE B 22 2.85 0.30 -7.35
CD1 DLE B 22 2.96 1.73 -7.84
CD2 DLE B 22 1.76 0.14 -6.30
C DLE B 22 3.30 -1.50 -10.78
O DLE B 22 2.80 -0.79 -11.60
N AIB B 23 3.47 -2.81 -10.95
CA AIB B 23 3.17 -3.53 -12.21
C AIB B 23 3.87 -2.79 -13.37
O AIB B 23 3.31 -2.77 -14.50
CB1 AIB B 23 3.76 -4.95 -12.12
CB2 AIB B 23 1.66 -3.57 -12.46
N AIB B 24 5.03 -2.22 -13.10
CA AIB B 24 5.87 -1.47 -14.10
C AIB B 24 5.02 -0.39 -14.81
O AIB B 24 5.33 -0.07 -15.99
CB1 AIB B 24 7.01 -0.77 -13.36
CB2 AIB B 24 6.41 -2.50 -15.09
N DLE B 25 4.03 0.17 -14.13
CA DLE B 25 3.14 1.23 -14.69
CB DLE B 25 2.11 1.62 -13.64
CG DLE B 25 2.43 2.85 -12.80
CD1 DLE B 25 1.46 2.93 -11.63
CD2 DLE B 25 3.86 2.75 -12.32
C DLE B 25 2.45 0.75 -15.97
O DLE B 25 2.08 1.58 -16.78
N DLY B 26 2.24 -0.54 -16.14
CA DLY B 26 1.60 -1.09 -17.34
C DLY B 26 2.37 -0.67 -18.58
O DLY B 26 1.72 -0.50 -19.61
CB DLY B 26 1.48 -2.61 -17.23
CG DLY B 26 2.76 -3.34 -17.56
CD DLY B 26 2.81 -4.75 -17.04
CE DLY B 26 4.06 -5.49 -17.51
NZ DLY B 26 4.03 -6.89 -17.02
N AIB B 27 3.71 -0.51 -18.49
CA AIB B 27 4.56 -0.08 -19.64
C AIB B 27 3.93 1.17 -20.29
O AIB B 27 4.03 1.33 -21.52
CB1 AIB B 27 5.93 0.28 -19.10
CB2 AIB B 27 4.59 -1.21 -20.69
N AIB B 28 3.34 2.04 -19.48
CA AIB B 28 2.80 3.36 -19.93
C AIB B 28 1.77 3.17 -21.07
O AIB B 28 1.72 4.01 -21.99
CB1 AIB B 28 2.11 4.05 -18.76
CB2 AIB B 28 3.98 4.21 -20.42
N AIB B 29 0.99 2.10 -20.99
CA AIB B 29 -0.09 1.77 -21.97
C AIB B 29 0.54 1.68 -23.38
O AIB B 29 -0.17 1.96 -24.36
CB1 AIB B 29 -0.66 0.39 -21.65
CB2 AIB B 29 -1.14 2.89 -21.96
N BF7 B 30 1.81 1.28 -23.46
CA BF7 B 30 2.41 0.98 -24.73
C BF7 B 30 3.32 2.12 -25.16
O BF7 B 30 4.01 1.98 -26.19
CB BF7 B 30 3.18 -0.34 -24.62
CG BF7 B 30 2.30 -1.57 -24.73
CD1 BF7 B 30 1.05 -1.60 -24.14
CD2 BF7 B 30 2.77 -2.67 -25.42
CE1 BF7 B 30 0.26 -2.73 -24.24
CE2 BF7 B 30 1.99 -3.81 -25.52
CZ BF7 B 30 0.74 -3.84 -24.93
BR BF7 B 30 -0.36 -5.42 -25.07
N DLY B 31 3.31 3.23 -24.43
CA DLY B 31 4.15 4.38 -24.86
C DLY B 31 3.59 5.04 -26.14
O DLY B 31 2.38 5.31 -26.15
CB DLY B 31 4.34 5.41 -23.74
CG DLY B 31 5.29 6.55 -24.12
CD DLY B 31 5.64 7.46 -22.98
CE DLY B 31 5.42 8.92 -23.34
NZ DLY B 31 6.54 9.77 -22.89
N GLY B 32 4.41 5.18 -27.19
CA GLY B 32 4.16 6.01 -28.39
C GLY B 32 2.97 5.50 -29.20
N GLY C 2 7.83 -20.75 17.20
CA GLY C 2 8.46 -19.96 18.29
C GLY C 2 9.46 -18.99 17.72
N DGL C 3 9.59 -17.79 18.30
CA DGL C 3 10.32 -16.63 17.72
C DGL C 3 9.49 -15.95 16.62
O DGL C 3 10.06 -15.27 15.72
CB DGL C 3 10.65 -15.66 18.88
CG DGL C 3 11.86 -14.76 18.68
CD DGL C 3 12.36 -14.08 19.96
OE1 DGL C 3 12.22 -14.71 21.04
OE2 DGL C 3 12.86 -12.92 19.89
N DLE C 4 8.16 -16.15 16.67
CA DLE C 4 7.17 -15.64 15.69
CB DLE C 4 5.79 -15.68 16.35
CG DLE C 4 5.62 -14.81 17.60
CD1 DLE C 4 6.32 -13.48 17.42
CD2 DLE C 4 4.17 -14.61 17.93
C DLE C 4 7.17 -16.49 14.40
O DLE C 4 6.33 -16.24 13.54
N AIB C 5 8.05 -17.50 14.28
CA AIB C 5 8.24 -18.29 13.02
C AIB C 5 8.49 -17.29 11.86
O AIB C 5 8.12 -17.62 10.72
CB1 AIB C 5 9.48 -19.15 13.18
CB2 AIB C 5 6.96 -19.10 12.79
N AIB C 6 9.10 -16.15 12.18
CA AIB C 6 9.51 -15.08 11.23
C AIB C 6 8.27 -14.62 10.40
O AIB C 6 8.44 -14.23 9.24
CB1 AIB C 6 10.01 -13.88 12.03
CB2 AIB C 6 10.60 -15.63 10.32
N DLE C 7 7.06 -14.67 11.00
CA DLE C 7 5.81 -14.17 10.38
CB DLE C 7 4.70 -14.19 11.42
CG DLE C 7 4.87 -13.27 12.64
CD1 DLE C 7 5.42 -11.91 12.29
CD2 DLE C 7 3.55 -13.11 13.38
C DLE C 7 5.43 -14.99 9.14
O DLE C 7 4.60 -14.55 8.37
N DLY C 8 6.03 -16.17 8.95
CA DLY C 8 5.83 -16.99 7.74
C DLY C 8 6.32 -16.22 6.51
O DLY C 8 5.82 -16.51 5.40
CB DLY C 8 6.46 -18.36 7.92
CG DLY C 8 5.73 -19.17 8.99
CD DLY C 8 6.22 -20.60 9.25
CE DLY C 8 5.10 -21.63 9.46
NZ DLY C 8 5.48 -22.65 10.46
N DGL C 9 7.23 -15.26 6.69
CA DGL C 9 7.78 -14.44 5.59
C DGL C 9 6.68 -13.59 4.95
O DGL C 9 6.85 -13.18 3.77
CB DGL C 9 8.93 -13.59 6.11
CG DGL C 9 10.16 -14.38 6.57
CD DGL C 9 11.35 -13.56 7.05
OE1 DGL C 9 12.32 -14.18 7.44
OE2 DGL C 9 11.33 -12.28 7.05
N DLE C 10 5.55 -13.38 5.65
CA DLE C 10 4.40 -12.61 5.12
CB DLE C 10 3.38 -12.39 6.23
CG DLE C 10 3.86 -11.47 7.34
CD1 DLE C 10 4.27 -10.09 6.82
CD2 DLE C 10 2.82 -11.34 8.44
C DLE C 10 3.78 -13.31 3.90
O DLE C 10 3.03 -12.66 3.18
N AIB C 11 4.10 -14.60 3.68
CA AIB C 11 3.73 -15.32 2.41
C AIB C 11 4.09 -14.44 1.18
O AIB C 11 3.35 -14.51 0.18
CB1 AIB C 11 4.53 -16.62 2.36
CB2 AIB C 11 2.21 -15.56 2.43
N AIB C 12 5.19 -13.67 1.28
CA AIB C 12 5.70 -12.77 0.19
C AIB C 12 4.55 -11.87 -0.38
O AIB C 12 4.61 -11.49 -1.55
CB1 AIB C 12 6.78 -11.88 0.81
CB2 AIB C 12 6.30 -13.65 -0.93
N DLE C 13 3.59 -11.50 0.44
CA DLE C 13 2.52 -10.55 0.06
CB DLE C 13 1.73 -10.16 1.30
CG DLE C 13 2.13 -8.85 1.98
CD1 DLE C 13 1.61 -8.80 3.40
CD2 DLE C 13 3.62 -8.56 1.89
C DLE C 13 1.65 -11.17 -1.07
O DLE C 13 0.95 -10.40 -1.71
N DLY C 14 1.73 -12.46 -1.32
CA DLY C 14 1.03 -13.11 -2.46
C DLY C 14 1.48 -12.47 -3.80
O DLY C 14 0.70 -12.49 -4.79
CB DLY C 14 1.30 -14.62 -2.44
CG DLY C 14 0.55 -15.35 -1.33
CD DLY C 14 0.92 -16.79 -1.11
CE DLY C 14 1.77 -17.41 -2.21
NZ DLY C 14 1.98 -18.84 -1.91
N DGL C 15 2.67 -11.88 -3.82
CA DGL C 15 3.24 -11.22 -5.01
C DGL C 15 2.41 -9.99 -5.41
O DGL C 15 2.53 -9.56 -6.56
CB DGL C 15 4.69 -10.83 -4.73
CG DGL C 15 5.59 -12.02 -4.60
CD DGL C 15 7.06 -11.68 -4.34
OE1 DGL C 15 7.84 -12.64 -4.18
OE2 DGL C 15 7.43 -10.47 -4.29
N DLE C 16 1.59 -9.45 -4.49
CA DLE C 16 0.73 -8.30 -4.80
CB DLE C 16 0.06 -7.81 -3.52
CG DLE C 16 1.01 -7.17 -2.52
CD1 DLE C 16 1.65 -5.90 -3.05
CD2 DLE C 16 0.27 -6.87 -1.23
C DLE C 16 -0.29 -8.65 -5.87
O DLE C 16 -0.86 -7.72 -6.43
N AIB C 17 -0.50 -9.93 -6.17
CA AIB C 17 -1.36 -10.37 -7.33
C AIB C 17 -0.92 -9.61 -8.61
O AIB C 17 -1.79 -9.35 -9.46
CB1 AIB C 17 -1.13 -11.86 -7.54
CB2 AIB C 17 -2.83 -10.00 -7.03
N AIB C 18 0.37 -9.27 -8.71
CA AIB C 18 0.94 -8.58 -9.90
C AIB C 18 0.14 -7.28 -10.20
O AIB C 18 0.09 -6.86 -11.36
CB1 AIB C 18 2.39 -8.21 -9.58
CB2 AIB C 18 0.85 -9.56 -11.07
N DLE C 19 -0.42 -6.63 -9.18
CA DLE C 19 -1.12 -5.33 -9.34
CB DLE C 19 -1.46 -4.81 -7.94
CG DLE C 19 -0.47 -3.81 -7.32
CD1 DLE C 19 -0.73 -3.64 -5.84
CD2 DLE C 19 0.97 -4.19 -7.62
C DLE C 19 -2.35 -5.46 -10.24
O DLE C 19 -2.79 -4.39 -10.73
N DLY C 20 -2.85 -6.65 -10.54
CA DLY C 20 -4.00 -6.76 -11.52
C DLY C 20 -3.58 -6.31 -12.93
O DLY C 20 -4.42 -5.93 -13.74
CB DLY C 20 -4.66 -8.14 -11.54
CG DLY C 20 -5.32 -8.50 -10.22
CD DLY C 20 -6.55 -9.34 -10.19
CE DLY C 20 -7.01 -9.63 -8.78
NZ DLY C 20 -8.50 -9.66 -8.63
N DGL C 21 -2.29 -6.30 -13.20
CA DGL C 21 -1.76 -5.86 -14.50
C DGL C 21 -1.94 -4.36 -14.68
O DGL C 21 -1.74 -3.88 -15.84
CB DGL C 21 -0.29 -6.23 -14.63
CG DGL C 21 -0.02 -7.72 -14.54
CD DGL C 21 1.40 -8.09 -14.84
OE1 DGL C 21 1.62 -9.29 -14.86
OE2 DGL C 21 2.28 -7.20 -15.04
N DLE C 22 -2.24 -3.60 -13.62
CA DLE C 22 -2.57 -2.16 -13.75
CB DLE C 22 -2.84 -1.55 -12.37
CG DLE C 22 -1.58 -1.34 -11.53
CD1 DLE C 22 -0.73 -0.21 -12.11
CD2 DLE C 22 -1.94 -1.09 -10.09
C DLE C 22 -3.77 -1.94 -14.68
O DLE C 22 -3.90 -0.82 -15.15
N AIB C 23 -4.58 -2.98 -14.92
CA AIB C 23 -5.69 -2.95 -15.92
C AIB C 23 -5.20 -2.30 -17.25
O AIB C 23 -6.00 -1.55 -17.87
CB1 AIB C 23 -6.10 -4.39 -16.20
CB2 AIB C 23 -6.83 -2.08 -15.36
N AIB C 24 -3.93 -2.56 -17.60
CA AIB C 24 -3.29 -2.03 -18.87
C AIB C 24 -3.51 -0.50 -19.01
O AIB C 24 -3.60 0.00 -20.13
CB1 AIB C 24 -1.79 -2.27 -18.81
CB2 AIB C 24 -3.97 -2.78 -20.02
N DLE C 25 -3.53 0.21 -17.89
CA DLE C 25 -3.58 1.70 -17.89
CB DLE C 25 -3.50 2.20 -16.46
CG DLE C 25 -2.10 2.11 -15.82
CD1 DLE C 25 -1.04 2.91 -16.54
CD2 DLE C 25 -2.22 2.54 -14.38
C DLE C 25 -4.88 2.20 -18.53
O DLE C 25 -4.87 3.31 -19.14
N DLY C 26 -5.93 1.38 -18.50
CA DLY C 26 -7.21 1.74 -19.12
C DLY C 26 -7.01 1.96 -20.60
O DLY C 26 -7.80 2.77 -21.15
CB DLY C 26 -8.25 0.68 -18.83
CG DLY C 26 -8.89 0.83 -17.47
CD DLY C 26 -9.79 -0.34 -17.13
CE DLY C 26 -10.49 -0.16 -15.82
NZ DLY C 26 -11.35 -1.32 -15.57
N AIB C 27 -6.06 1.30 -21.27
CA AIB C 27 -5.81 1.42 -22.73
C AIB C 27 -5.72 2.93 -23.06
O AIB C 27 -6.18 3.34 -24.19
CB1 AIB C 27 -4.48 0.77 -23.08
CB2 AIB C 27 -6.99 0.79 -23.47
N AIB C 28 -5.13 3.71 -22.17
CA AIB C 28 -4.84 5.16 -22.40
C AIB C 28 -6.15 5.93 -22.74
O AIB C 28 -6.13 6.85 -23.53
CB1 AIB C 28 -4.23 5.73 -21.13
CB2 AIB C 28 -3.86 5.29 -23.54
N AIB C 29 -7.22 5.56 -22.09
CA AIB C 29 -8.57 6.25 -22.16
C AIB C 29 -9.03 6.07 -23.62
O AIB C 29 -9.77 6.96 -24.08
CB1 AIB C 29 -9.53 5.53 -21.23
CB2 AIB C 29 -8.46 7.73 -21.79
N BF7 C 30 -8.65 4.99 -24.29
CA BF7 C 30 -9.22 4.64 -25.58
C BF7 C 30 -8.38 5.22 -26.74
O BF7 C 30 -8.71 4.98 -27.91
CB BF7 C 30 -9.34 3.12 -25.68
CG BF7 C 30 -10.50 2.59 -24.86
CD1 BF7 C 30 -11.68 2.24 -25.47
CD2 BF7 C 30 -10.36 2.45 -23.49
CE1 BF7 C 30 -12.74 1.76 -24.72
CE2 BF7 C 30 -11.41 1.97 -22.74
CZ BF7 C 30 -12.60 1.62 -23.36
BR BF7 C 30 -14.06 0.95 -22.29
N DLY C 31 -7.34 5.98 -26.41
CA DLY C 31 -6.74 6.98 -27.33
C DLY C 31 -7.69 8.18 -27.39
O DLY C 31 -8.06 8.61 -28.46
CB DLY C 31 -5.38 7.41 -26.77
CG DLY C 31 -4.70 8.56 -27.52
CD DLY C 31 -3.57 8.07 -28.38
CE DLY C 31 -2.49 7.35 -27.59
NZ DLY C 31 -1.13 7.64 -28.12
N DGL D 3 4.80 -19.59 20.04
CA DGL D 3 3.36 -19.97 19.94
C DGL D 3 2.65 -18.80 19.23
O DGL D 3 3.22 -18.27 18.22
CB DGL D 3 3.21 -21.30 19.21
CG DGL D 3 1.97 -22.10 19.60
CD DGL D 3 1.85 -23.47 18.74
OE1 DGL D 3 0.75 -24.07 18.87
OE2 DGL D 3 2.84 -23.90 17.85
N DLE D 4 1.47 -18.41 19.71
CA DLE D 4 0.61 -17.37 19.05
CB DLE D 4 -0.40 -16.80 20.04
CG DLE D 4 0.21 -16.14 21.28
CD1 DLE D 4 1.39 -15.28 20.88
CD2 DLE D 4 -0.84 -15.34 22.04
C DLE D 4 -0.11 -17.95 17.82
O DLE D 4 -0.73 -17.17 17.12
N AIB D 5 0.04 -19.25 17.54
CA AIB D 5 -0.46 -19.89 16.29
C AIB D 5 0.14 -19.11 15.09
O AIB D 5 -0.49 -19.07 14.04
CB1 AIB D 5 0.08 -21.33 16.22
CB2 AIB D 5 -1.98 -19.82 16.29
N AIB D 6 1.34 -18.57 15.28
CA AIB D 6 2.14 -17.83 14.25
C AIB D 6 1.28 -16.69 13.67
O AIB D 6 1.45 -16.35 12.49
CB1 AIB D 6 3.37 -17.22 14.93
CB2 AIB D 6 2.56 -18.85 13.18
N DLE D 7 0.41 -16.08 14.48
CA DLE D 7 -0.37 -14.89 14.12
CB DLE D 7 -1.02 -14.31 15.37
CG DLE D 7 -0.04 -13.74 16.39
CD1 DLE D 7 0.94 -12.79 15.70
CD2 DLE D 7 -0.76 -13.01 17.51
C DLE D 7 -1.40 -15.21 13.03
O DLE D 7 -1.89 -14.21 12.45
N DLY D 8 -1.68 -16.49 12.75
CA DLY D 8 -2.38 -17.02 11.54
C DLY D 8 -1.83 -16.32 10.28
O DLY D 8 -2.54 -16.14 9.30
CB DLY D 8 -1.85 -18.44 11.24
CG DLY D 8 -2.65 -19.67 11.60
CD DLY D 8 -1.92 -20.91 11.03
CE DLY D 8 -2.78 -22.14 10.75
NZ DLY D 8 -2.62 -22.72 9.39
N DGL D 9 -0.51 -16.12 10.27
CA DGL D 9 0.25 -15.69 9.07
C DGL D 9 -0.17 -14.25 8.71
O DGL D 9 0.01 -13.88 7.55
CB DGL D 9 1.75 -15.83 9.32
CG DGL D 9 2.19 -17.27 9.53
CD DGL D 9 1.97 -18.25 8.39
OE1 DGL D 9 1.49 -19.40 8.64
OE2 DGL D 9 2.33 -17.86 7.26
N DLE D 10 -0.77 -13.51 9.63
CA DLE D 10 -1.27 -12.13 9.37
CB DLE D 10 -1.74 -11.48 10.67
CG DLE D 10 -0.62 -11.21 11.67
CD1 DLE D 10 0.43 -10.28 11.08
CD2 DLE D 10 -1.22 -10.60 12.93
C DLE D 10 -2.41 -12.18 8.34
O DLE D 10 -2.71 -11.13 7.77
N AIB D 11 -3.01 -13.33 8.08
CA AIB D 11 -3.99 -13.54 6.97
C AIB D 11 -3.37 -13.00 5.66
O AIB D 11 -4.13 -12.51 4.85
CB1 AIB D 11 -4.26 -15.03 6.82
CB2 AIB D 11 -5.27 -12.81 7.31
N AIB D 12 -2.04 -13.08 5.49
CA AIB D 12 -1.27 -12.58 4.31
C AIB D 12 -1.69 -11.13 3.96
O AIB D 12 -1.67 -10.75 2.76
CB1 AIB D 12 0.20 -12.55 4.66
CB2 AIB D 12 -1.54 -13.57 3.19
N DLE D 13 -2.03 -10.32 4.95
CA DLE D 13 -2.31 -8.88 4.76
CB DLE D 13 -2.40 -8.18 6.11
CG DLE D 13 -1.10 -8.19 6.91
CD1 DLE D 13 -0.11 -7.25 6.26
CD2 DLE D 13 -1.36 -7.77 8.35
C DLE D 13 -3.59 -8.72 3.93
O DLE D 13 -3.78 -7.63 3.39
N DLY D 14 -4.42 -9.76 3.78
CA DLY D 14 -5.63 -9.68 2.93
C DLY D 14 -5.22 -9.41 1.47
O DLY D 14 -6.03 -8.90 0.69
CB DLY D 14 -6.45 -10.97 3.05
CG DLY D 14 -5.95 -12.07 2.15
CD DLY D 14 -6.60 -13.42 2.43
CE DLY D 14 -6.27 -14.50 1.41
NZ DLY D 14 -5.90 -15.79 2.07
N DGL D 15 -3.98 -9.75 1.10
CA DGL D 15 -3.44 -9.50 -0.25
C DGL D 15 -3.33 -7.99 -0.52
O DGL D 15 -3.16 -7.63 -1.65
CB DGL D 15 -2.09 -10.19 -0.40
CG DGL D 15 -2.20 -11.69 -0.33
CD DGL D 15 -2.89 -12.36 -1.51
OE1 DGL D 15 -3.60 -13.39 -1.27
OE2 DGL D 15 -2.67 -11.89 -2.65
N DLE D 16 -3.37 -7.13 0.49
CA DLE D 16 -3.36 -5.65 0.27
CB DLE D 16 -3.22 -4.92 1.60
CG DLE D 16 -1.87 -5.12 2.27
CD1 DLE D 16 -0.81 -4.41 1.43
CD2 DLE D 16 -1.90 -4.63 3.72
C DLE D 16 -4.62 -5.23 -0.48
O DLE D 16 -4.60 -4.11 -1.03
N AIB D 17 -5.65 -6.08 -0.56
CA AIB D 17 -6.83 -5.85 -1.46
C AIB D 17 -6.33 -5.54 -2.87
O AIB D 17 -7.00 -4.77 -3.56
CB1 AIB D 17 -7.68 -7.13 -1.50
CB2 AIB D 17 -7.64 -4.67 -0.91
N AIB D 18 -5.19 -6.10 -3.29
CA AIB D 18 -4.58 -5.87 -4.64
C AIB D 18 -4.44 -4.34 -4.90
O AIB D 18 -4.46 -3.93 -6.05
CB1 AIB D 18 -3.18 -6.50 -4.67
CB2 AIB D 18 -5.51 -6.56 -5.63
N DLE D 19 -4.23 -3.51 -3.89
CA DLE D 19 -3.97 -2.05 -4.06
CB DLE D 19 -3.54 -1.45 -2.71
CG DLE D 19 -2.19 -1.94 -2.20
CD1 DLE D 19 -1.10 -1.39 -3.11
CD2 DLE D 19 -1.96 -1.42 -0.79
C DLE D 19 -5.22 -1.35 -4.60
O DLE D 19 -5.10 -0.23 -5.11
N DLY D 20 -6.39 -1.99 -4.59
CA DLY D 20 -7.62 -1.46 -5.22
C DLY D 20 -7.42 -1.31 -6.73
O DLY D 20 -8.15 -0.56 -7.33
CB DLY D 20 -8.80 -2.41 -4.94
CG DLY D 20 -8.76 -3.64 -5.83
CD DLY D 20 -9.78 -4.71 -5.46
CE DLY D 20 -9.53 -6.02 -6.16
NZ DLY D 20 -10.73 -6.88 -6.06
N DGL D 21 -6.45 -2.01 -7.33
CA DGL D 21 -6.17 -1.89 -8.78
C DGL D 21 -5.60 -0.51 -9.10
O DGL D 21 -5.51 -0.19 -10.28
CB DGL D 21 -5.20 -3.00 -9.21
CG DGL D 21 -5.72 -4.39 -9.01
CD DGL D 21 -6.94 -4.76 -9.84
OE1 DGL D 21 -7.87 -5.41 -9.25
OE2 DGL D 21 -6.93 -4.40 -11.07
N DLE D 22 -5.14 0.26 -8.11
CA DLE D 22 -4.67 1.66 -8.35
CB DLE D 22 -4.08 2.24 -7.06
CG DLE D 22 -2.72 1.67 -6.69
CD1 DLE D 22 -1.63 2.13 -7.66
CD2 DLE D 22 -2.34 1.96 -5.26
C DLE D 22 -5.83 2.52 -8.86
O DLE D 22 -5.57 3.60 -9.40
N AIB D 23 -7.07 2.07 -8.74
CA AIB D 23 -8.28 2.70 -9.39
C AIB D 23 -7.96 2.97 -10.86
O AIB D 23 -8.40 4.01 -11.41
CB1 AIB D 23 -9.42 1.68 -9.34
CB2 AIB D 23 -8.59 4.00 -8.66
N AIB D 24 -7.18 2.08 -11.49
CA AIB D 24 -6.78 2.13 -12.92
C AIB D 24 -6.18 3.52 -13.26
O AIB D 24 -6.31 3.95 -14.42
CB1 AIB D 24 -5.72 1.05 -13.15
CB2 AIB D 24 -8.03 1.84 -13.73
N DLE D 25 -5.48 4.14 -12.33
CA DLE D 25 -4.81 5.46 -12.55
CB DLE D 25 -4.10 5.83 -11.26
CG DLE D 25 -2.78 5.08 -11.05
CD1 DLE D 25 -1.73 5.51 -12.07
CD2 DLE D 25 -2.24 5.36 -9.66
C DLE D 25 -5.81 6.54 -12.97
O DLE D 25 -5.43 7.48 -13.74
N DLY D 26 -7.06 6.42 -12.57
CA DLY D 26 -8.13 7.36 -12.95
C DLY D 26 -8.25 7.42 -14.47
O DLY D 26 -8.68 8.48 -14.93
CB DLY D 26 -9.46 6.93 -12.33
CG DLY D 26 -10.22 5.91 -13.14
CD DLY D 26 -11.30 5.18 -12.36
CE DLY D 26 -11.63 3.80 -12.90
NZ DLY D 26 -12.87 3.26 -12.26
N AIB D 27 -7.94 6.34 -15.22
CA AIB D 27 -8.08 6.28 -16.71
C AIB D 27 -7.43 7.53 -17.30
O AIB D 27 -7.95 8.07 -18.31
CB1 AIB D 27 -7.37 5.05 -17.23
CB2 AIB D 27 -9.56 6.27 -17.04
N AIB D 28 -6.30 7.95 -16.68
CA AIB D 28 -5.44 9.03 -17.23
C AIB D 28 -6.25 10.33 -17.42
O AIB D 28 -5.95 11.10 -18.38
CB1 AIB D 28 -4.35 9.26 -16.18
CB2 AIB D 28 -4.89 8.60 -18.59
N AIB D 29 -7.21 10.58 -16.53
CA AIB D 29 -8.06 11.81 -16.54
C AIB D 29 -8.70 11.96 -17.93
O AIB D 29 -8.95 13.11 -18.35
CB1 AIB D 29 -9.19 11.66 -15.53
CB2 AIB D 29 -7.15 13.01 -16.24
N BF7 D 30 -9.02 10.87 -18.62
CA BF7 D 30 -9.94 10.94 -19.73
C BF7 D 30 -9.16 10.99 -21.04
O BF7 D 30 -9.76 10.92 -22.13
CB BF7 D 30 -10.92 9.77 -19.64
CG BF7 D 30 -11.71 9.97 -18.36
CD1 BF7 D 30 -12.39 11.16 -18.18
CD2 BF7 D 30 -11.75 8.99 -17.41
CE1 BF7 D 30 -13.13 11.36 -17.02
CE2 BF7 D 30 -12.48 9.18 -16.25
CZ BF7 D 30 -13.17 10.37 -16.07
BR BF7 D 30 -14.21 10.66 -14.45
N DLY D 31 -7.85 11.15 -20.93
CA DLY D 31 -7.03 11.69 -22.06
C DLY D 31 -7.09 13.21 -22.04
O DLY D 31 -7.62 13.67 -23.04
CB DLY D 31 -5.60 11.19 -21.95
CG DLY D 31 -5.14 10.32 -23.10
CD DLY D 31 -4.28 9.13 -22.66
CE DLY D 31 -3.00 9.51 -21.95
NZ DLY D 31 -2.19 10.41 -22.80
N GLY E 2 -11.10 -20.33 16.31
CA GLY E 2 -9.73 -20.85 16.65
C GLY E 2 -8.95 -21.14 15.37
N DGL E 3 -7.61 -21.13 15.45
CA DGL E 3 -6.74 -21.13 14.24
C DGL E 3 -6.60 -19.70 13.70
O DGL E 3 -6.33 -19.52 12.46
CB DGL E 3 -5.39 -21.79 14.51
CG DGL E 3 -4.87 -22.56 13.30
CD DGL E 3 -3.69 -23.51 13.53
OE1 DGL E 3 -2.90 -23.21 14.42
OE2 DGL E 3 -3.59 -24.51 12.80
N DLE E 4 -6.82 -18.69 14.56
CA DLE E 4 -6.80 -17.25 14.19
CB DLE E 4 -6.56 -16.42 15.45
CG DLE E 4 -5.24 -16.65 16.17
CD1 DLE E 4 -4.11 -16.84 15.18
CD2 DLE E 4 -4.94 -15.50 17.12
C DLE E 4 -8.12 -16.83 13.53
O DLE E 4 -8.27 -15.62 13.24
N AIB E 5 -9.06 -17.76 13.30
CA AIB E 5 -10.32 -17.49 12.55
C AIB E 5 -9.95 -16.88 11.19
O AIB E 5 -10.76 -16.11 10.64
CB1 AIB E 5 -11.04 -18.81 12.28
CB2 AIB E 5 -11.16 -16.52 13.37
N AIB E 6 -8.77 -17.26 10.67
CA AIB E 6 -8.22 -16.83 9.34
C AIB E 6 -8.23 -15.28 9.24
O AIB E 6 -8.42 -14.78 8.12
CB1 AIB E 6 -6.75 -17.29 9.28
CB2 AIB E 6 -9.09 -17.50 8.28
N DLE E 7 -8.05 -14.56 10.36
CA DLE E 7 -7.93 -13.08 10.39
CB DLE E 7 -7.50 -12.65 11.79
CG DLE E 7 -6.08 -13.04 12.21
CD1 DLE E 7 -5.06 -12.91 11.09
CD2 DLE E 7 -5.61 -12.23 13.42
C DLE E 7 -9.23 -12.41 9.95
O DLE E 7 -9.23 -11.22 9.68
N DLY E 8 -10.35 -13.14 9.91
CA DLY E 8 -11.63 -12.62 9.39
C DLY E 8 -11.47 -12.24 7.91
O DLY E 8 -12.25 -11.37 7.44
CB DLY E 8 -12.75 -13.63 9.65
CG DLY E 8 -13.54 -13.32 10.92
CD DLY E 8 -14.06 -14.48 11.76
CE DLY E 8 -14.36 -14.00 13.15
NZ DLY E 8 -15.49 -14.73 13.79
N DGL E 9 -10.50 -12.84 7.21
CA DGL E 9 -10.26 -12.57 5.78
C DGL E 9 -9.81 -11.10 5.59
O DGL E 9 -9.94 -10.59 4.46
CB DGL E 9 -9.22 -13.56 5.25
CG DGL E 9 -9.70 -15.01 5.21
CD DGL E 9 -8.71 -16.05 4.70
OE1 DGL E 9 -9.14 -17.20 4.55
OE2 DGL E 9 -7.46 -15.75 4.55
N DLE E 10 -9.33 -10.43 6.65
CA DLE E 10 -8.91 -9.02 6.61
CB DLE E 10 -8.28 -8.65 7.94
CG DLE E 10 -6.74 -8.69 8.01
CD1 DLE E 10 -6.25 -9.10 9.40
CD2 DLE E 10 -6.12 -9.56 6.95
C DLE E 10 -10.11 -8.11 6.25
O DLE E 10 -9.85 -6.96 5.86
N AIB E 11 -11.34 -8.61 6.37
CA AIB E 11 -12.55 -7.88 5.88
C AIB E 11 -12.32 -7.40 4.41
O AIB E 11 -12.84 -6.33 4.06
CB1 AIB E 11 -13.72 -8.87 5.90
CB2 AIB E 11 -12.80 -6.65 6.76
N AIB E 12 -11.56 -8.18 3.63
CA AIB E 12 -11.23 -7.90 2.19
C AIB E 12 -10.71 -6.44 2.01
O AIB E 12 -10.89 -5.86 0.93
CB1 AIB E 12 -10.13 -8.85 1.76
CB2 AIB E 12 -12.51 -8.11 1.36
N DLE E 13 -10.03 -5.89 3.02
CA DLE E 13 -9.41 -4.56 2.92
CB DLE E 13 -8.53 -4.34 4.15
CG DLE E 13 -7.04 -4.70 3.98
CD1 DLE E 13 -6.36 -4.88 5.28
CD2 DLE E 13 -6.80 -5.90 3.08
C DLE E 13 -10.48 -3.47 2.71
O DLE E 13 -10.11 -2.38 2.25
N DLY E 14 -11.74 -3.76 2.96
CA DLY E 14 -12.87 -2.83 2.69
C DLY E 14 -12.91 -2.44 1.19
O DLY E 14 -13.43 -1.36 0.85
CB DLY E 14 -14.18 -3.44 3.19
CG DLY E 14 -14.23 -3.41 4.72
CD DLY E 14 -15.37 -4.08 5.41
CE DLY E 14 -15.63 -3.43 6.77
NZ DLY E 14 -16.44 -4.29 7.66
N DGL E 15 -12.35 -3.30 0.34
CA DGL E 15 -12.30 -3.08 -1.12
C DGL E 15 -11.44 -1.85 -1.47
O DGL E 15 -11.60 -1.33 -2.60
CB DGL E 15 -11.79 -4.34 -1.80
CG DGL E 15 -12.77 -5.48 -1.71
CD DGL E 15 -12.35 -6.76 -2.41
OE1 DGL E 15 -13.06 -7.74 -2.30
OE2 DGL E 15 -11.32 -6.78 -3.05
N DLE E 16 -10.57 -1.41 -0.55
CA DLE E 16 -9.75 -0.20 -0.77
CB DLE E 16 -8.74 -0.05 0.37
CG DLE E 16 -7.66 -1.14 0.36
CD1 DLE E 16 -6.76 -1.00 -0.85
CD2 DLE E 16 -6.83 -1.12 1.61
C DLE E 16 -10.64 1.04 -0.92
O DLE E 16 -10.12 2.05 -1.40
N AIB E 17 -11.92 0.97 -0.54
CA AIB E 17 -12.91 2.06 -0.85
C AIB E 17 -12.81 2.47 -2.35
O AIB E 17 -13.04 3.65 -2.64
CB1 AIB E 17 -14.31 1.54 -0.59
CB2 AIB E 17 -12.58 3.29 0.01
N AIB E 18 -12.47 1.52 -3.23
CA AIB E 18 -12.32 1.77 -4.70
C AIB E 18 -11.39 3.00 -4.95
O AIB E 18 -11.54 3.68 -5.97
CB1 AIB E 18 -11.69 0.52 -5.35
CB2 AIB E 18 -13.72 2.03 -5.23
N DLE E 19 -10.41 3.24 -4.10
CA DLE E 19 -9.38 4.30 -4.31
CB DLE E 19 -8.26 4.10 -3.30
CG DLE E 19 -7.49 2.80 -3.47
CD1 DLE E 19 -7.15 2.49 -4.93
CD2 DLE E 19 -6.22 2.80 -2.63
C DLE E 19 -10.01 5.70 -4.25
O DLE E 19 -9.38 6.64 -4.75
N DLY E 20 -11.21 5.85 -3.77
CA DLY E 20 -11.94 7.17 -3.84
C DLY E 20 -12.21 7.58 -5.30
O DLY E 20 -12.41 8.76 -5.55
CB DLY E 20 -13.23 7.14 -3.01
CG DLY E 20 -12.87 7.21 -1.54
CD DLY E 20 -13.96 7.17 -0.49
CE DLY E 20 -13.32 7.08 0.89
NZ DLY E 20 -13.96 7.90 1.97
N DGL E 21 -12.15 6.66 -6.24
CA DGL E 21 -12.34 6.97 -7.68
C DGL E 21 -11.16 7.79 -8.22
O DGL E 21 -11.32 8.40 -9.30
CB DGL E 21 -12.55 5.72 -8.50
CG DGL E 21 -13.75 4.88 -8.10
CD DGL E 21 -13.90 3.63 -8.99
OE1 DGL E 21 -14.84 2.87 -8.82
OE2 DGL E 21 -13.01 3.35 -9.85
N DLE E 22 -10.04 7.81 -7.51
CA DLE E 22 -8.85 8.61 -7.92
CB DLE E 22 -7.70 8.37 -6.95
CG DLE E 22 -6.99 7.02 -7.10
CD1 DLE E 22 -6.21 6.96 -8.40
CD2 DLE E 22 -6.09 6.77 -5.91
C DLE E 22 -9.23 10.09 -7.94
O DLE E 22 -8.47 10.85 -8.55
N AIB E 23 -10.31 10.48 -7.23
CA AIB E 23 -10.82 11.88 -7.23
C AIB E 23 -10.89 12.40 -8.67
O AIB E 23 -10.60 13.63 -8.87
CB1 AIB E 23 -12.25 11.86 -6.66
CB2 AIB E 23 -9.86 12.70 -6.39
N AIB E 24 -11.21 11.52 -9.62
CA AIB E 24 -11.39 11.89 -11.07
C AIB E 24 -10.15 12.67 -11.59
O AIB E 24 -10.28 13.53 -12.49
CB1 AIB E 24 -11.51 10.61 -11.89
CB2 AIB E 24 -12.64 12.76 -11.19
N DLE E 25 -8.97 12.33 -11.09
CA DLE E 25 -7.69 12.90 -11.58
CB DLE E 25 -6.56 12.21 -10.81
CG DLE E 25 -6.23 10.81 -11.31
CD1 DLE E 25 -5.66 10.87 -12.74
CD2 DLE E 25 -5.25 10.17 -10.33
C DLE E 25 -7.66 14.41 -11.35
O DLE E 25 -6.97 15.10 -12.09
N DLY E 26 -8.37 14.92 -10.37
CA DLY E 26 -8.42 16.39 -10.13
C DLY E 26 -8.95 17.11 -11.35
O DLY E 26 -8.45 18.24 -11.62
CB DLY E 26 -9.24 16.69 -8.88
CG DLY E 26 -8.48 16.46 -7.58
CD DLY E 26 -9.32 16.52 -6.35
CE DLY E 26 -8.47 16.71 -5.11
NZ DLY E 26 -9.30 16.92 -3.89
N AIB E 27 -9.85 16.50 -12.11
CA AIB E 27 -10.47 17.11 -13.33
C AIB E 27 -9.32 17.57 -14.26
O AIB E 27 -9.51 18.58 -14.98
CB1 AIB E 27 -11.31 16.07 -14.06
CB2 AIB E 27 -11.33 18.31 -12.92
N AIB E 28 -8.23 16.79 -14.28
CA AIB E 28 -7.11 17.00 -15.23
C AIB E 28 -6.51 18.42 -15.08
O AIB E 28 -5.95 18.89 -16.06
CB1 AIB E 28 -5.99 16.02 -14.88
CB2 AIB E 28 -7.62 16.82 -16.67
N AIB E 29 -6.59 19.02 -13.90
CA AIB E 29 -6.12 20.42 -13.63
C AIB E 29 -6.74 21.38 -14.66
O AIB E 29 -6.07 22.38 -14.98
CB1 AIB E 29 -6.61 20.86 -12.25
CB2 AIB E 29 -4.59 20.43 -13.74
N BF7 E 30 -7.93 21.09 -15.17
CA BF7 E 30 -8.57 22.07 -16.02
C BF7 E 30 -8.17 21.94 -17.50
O BF7 E 30 -8.28 22.97 -18.20
CB BF7 E 30 -10.08 21.98 -15.88
CG BF7 E 30 -10.53 22.60 -14.57
CD1 BF7 E 30 -10.29 23.94 -14.34
CD2 BF7 E 30 -11.17 21.83 -13.63
CE1 BF7 E 30 -10.71 24.51 -13.16
CE2 BF7 E 30 -11.59 22.41 -12.45
CZ BF7 E 30 -11.36 23.75 -12.22
BR BF7 E 30 -11.94 24.56 -10.57
N DLY E 31 -7.71 20.75 -17.93
CA DLY E 31 -7.39 20.41 -19.33
C DLY E 31 -8.23 19.18 -19.67
O DLY E 31 -7.76 18.24 -20.31
CB DLY E 31 -7.65 21.58 -20.31
CG DLY E 31 -9.11 21.91 -20.62
CD DLY E 31 -9.67 21.26 -21.87
CE DLY E 31 -11.19 21.23 -21.91
NZ DLY E 31 -11.71 20.09 -22.69
N DGL F 3 -8.64 -18.18 20.18
CA DGL F 3 -8.93 -16.98 21.02
C DGL F 3 -8.27 -15.75 20.36
O DGL F 3 -8.32 -15.66 19.12
CB DGL F 3 -10.45 -16.82 21.24
CG DGL F 3 -10.79 -16.15 22.57
CD DGL F 3 -12.28 -15.97 22.93
OE1 DGL F 3 -12.46 -15.56 24.12
OE2 DGL F 3 -13.21 -16.14 21.91
N DLE F 4 -7.71 -14.85 21.17
CA DLE F 4 -7.13 -13.56 20.74
CB DLE F 4 -6.22 -13.01 21.83
CG DLE F 4 -5.02 -13.89 22.17
CD1 DLE F 4 -4.41 -14.54 20.92
CD2 DLE F 4 -3.97 -13.07 22.92
C DLE F 4 -8.23 -12.53 20.41
O DLE F 4 -7.84 -11.45 19.94
N AIB F 5 -9.51 -12.86 20.55
CA AIB F 5 -10.64 -12.03 20.04
C AIB F 5 -10.39 -11.78 18.52
O AIB F 5 -10.79 -10.72 18.02
CB1 AIB F 5 -11.96 -12.81 20.16
CB2 AIB F 5 -10.65 -10.71 20.81
N AIB F 6 -9.77 -12.75 17.86
CA AIB F 6 -9.47 -12.76 16.39
C AIB F 6 -8.70 -11.47 16.01
O AIB F 6 -8.91 -10.94 14.90
CB1 AIB F 6 -8.60 -13.96 16.05
CB2 AIB F 6 -10.82 -12.87 15.68
N DLE F 7 -7.83 -11.00 16.90
CA DLE F 7 -6.87 -9.89 16.62
CB DLE F 7 -5.83 -9.81 17.75
CG DLE F 7 -4.93 -11.03 17.90
CD1 DLE F 7 -4.33 -11.40 16.56
CD2 DLE F 7 -3.85 -10.79 18.91
C DLE F 7 -7.64 -8.56 16.49
O DLE F 7 -7.05 -7.60 16.00
N DLY F 8 -8.92 -8.51 16.89
CA DLY F 8 -9.77 -7.32 16.66
C DLY F 8 -9.91 -7.09 15.15
O DLY F 8 -10.18 -5.96 14.76
CB DLY F 8 -11.11 -7.49 17.38
CG DLY F 8 -12.21 -8.13 16.55
CD DLY F 8 -13.56 -8.23 17.24
CE DLY F 8 -14.41 -9.42 16.77
NZ DLY F 8 -15.85 -9.05 16.55
N DGL F 9 -9.75 -8.12 14.34
CA DGL F 9 -9.93 -8.05 12.88
C DGL F 9 -8.80 -7.19 12.29
O DGL F 9 -8.97 -6.71 11.18
CB DGL F 9 -9.98 -9.44 12.26
CG DGL F 9 -11.18 -10.26 12.75
CD DGL F 9 -12.57 -9.72 12.40
OE1 DGL F 9 -13.49 -9.78 13.27
OE2 DGL F 9 -12.74 -9.29 11.24
N DLE F 10 -7.70 -6.95 13.02
CA DLE F 10 -6.61 -6.03 12.58
CB DLE F 10 -5.46 -6.08 13.58
CG DLE F 10 -4.26 -6.96 13.25
CD1 DLE F 10 -3.66 -7.49 14.56
CD2 DLE F 10 -4.60 -8.06 12.29
C DLE F 10 -7.14 -4.60 12.41
O DLE F 10 -6.49 -3.82 11.71
N AIB F 11 -8.29 -4.27 12.99
CA AIB F 11 -9.01 -2.98 12.76
C AIB F 11 -9.11 -2.75 11.23
O AIB F 11 -9.04 -1.60 10.83
CB1 AIB F 11 -10.40 -3.08 13.35
CB2 AIB F 11 -8.20 -1.87 13.42
N AIB F 12 -9.28 -3.82 10.44
CA AIB F 12 -9.45 -3.79 8.96
C AIB F 12 -8.32 -2.96 8.30
O AIB F 12 -8.54 -2.34 7.23
CB1 AIB F 12 -9.38 -5.21 8.41
CB2 AIB F 12 -10.84 -3.24 8.65
N DLE F 13 -7.13 -2.96 8.87
CA DLE F 13 -5.95 -2.28 8.29
CB DLE F 13 -4.70 -2.66 9.09
CG DLE F 13 -4.33 -4.14 9.02
CD1 DLE F 13 -3.79 -4.48 7.66
CD2 DLE F 13 -3.31 -4.50 10.07
C DLE F 13 -6.18 -0.76 8.27
O DLE F 13 -5.49 -0.08 7.50
N DLY F 14 -7.14 -0.24 9.02
CA DLY F 14 -7.49 1.22 8.99
C DLY F 14 -7.96 1.60 7.59
O DLY F 14 -7.88 2.79 7.25
CB DLY F 14 -8.56 1.54 10.04
CG DLY F 14 -9.96 1.26 9.55
CD DLY F 14 -11.01 1.42 10.63
CE DLY F 14 -12.42 1.57 10.11
NZ DLY F 14 -13.41 0.97 11.04
N DGL F 15 -8.42 0.63 6.79
CA DGL F 15 -8.87 0.87 5.39
C DGL F 15 -7.70 1.34 4.52
O DGL F 15 -7.98 1.91 3.47
CB DGL F 15 -9.51 -0.38 4.82
CG DGL F 15 -10.81 -0.71 5.51
CD DGL F 15 -11.96 0.27 5.33
OE1 DGL F 15 -12.70 0.51 6.31
OE2 DGL F 15 -12.10 0.78 4.19
N DLE F 16 -6.46 1.12 4.93
CA DLE F 16 -5.28 1.62 4.18
CB DLE F 16 -4.01 1.07 4.83
CG DLE F 16 -3.86 -0.44 4.62
CD1 DLE F 16 -3.63 -0.76 3.16
CD2 DLE F 16 -2.72 -0.99 5.47
C DLE F 16 -5.27 3.15 4.13
O DLE F 16 -4.59 3.68 3.27
N AIB F 17 -6.04 3.83 4.98
CA AIB F 17 -6.26 5.31 4.90
C AIB F 17 -6.68 5.68 3.47
O AIB F 17 -6.36 6.77 3.05
CB1 AIB F 17 -7.36 5.72 5.87
CB2 AIB F 17 -4.96 6.02 5.28
N AIB F 18 -7.39 4.80 2.78
CA AIB F 18 -7.88 5.04 1.38
C AIB F 18 -6.68 5.41 0.46
O AIB F 18 -6.90 6.13 -0.53
CB1 AIB F 18 -8.51 3.75 0.84
CB2 AIB F 18 -8.92 6.15 1.46
N DLE F 19 -5.47 4.95 0.73
CA DLE F 19 -4.28 5.22 -0.12
CB DLE F 19 -3.09 4.39 0.39
CG DLE F 19 -3.26 2.89 0.19
CD1 DLE F 19 -3.13 2.58 -1.26
CD2 DLE F 19 -2.24 2.12 0.99
C DLE F 19 -3.94 6.72 -0.13
O DLE F 19 -3.23 7.17 -1.05
N DLY F 20 -4.46 7.51 0.80
CA DLY F 20 -4.26 8.98 0.82
C DLY F 20 -4.91 9.61 -0.42
O DLY F 20 -4.52 10.73 -0.76
CB DLY F 20 -4.90 9.56 2.10
CG DLY F 20 -6.41 9.72 1.95
CD DLY F 20 -7.14 10.06 3.21
CE DLY F 20 -8.64 9.94 3.08
NZ DLY F 20 -9.25 10.43 4.33
N DGL F 21 -5.82 8.93 -1.12
CA DGL F 21 -6.43 9.46 -2.35
C DGL F 21 -5.38 9.53 -3.47
O DGL F 21 -5.67 10.20 -4.48
CB DGL F 21 -7.60 8.58 -2.79
CG DGL F 21 -8.72 8.54 -1.76
CD DGL F 21 -9.47 9.83 -1.46
OE1 DGL F 21 -9.63 10.18 -0.27
OE2 DGL F 21 -9.96 10.45 -2.43
N DLE F 22 -4.25 8.84 -3.36
CA DLE F 22 -3.16 8.92 -4.37
CB DLE F 22 -2.05 7.96 -4.00
CG DLE F 22 -2.36 6.48 -4.22
CD1 DLE F 22 -2.40 6.15 -5.69
CD2 DLE F 22 -1.32 5.62 -3.49
C DLE F 22 -2.63 10.36 -4.44
O DLE F 22 -2.01 10.69 -5.40
N AIB F 23 -2.87 11.19 -3.41
CA AIB F 23 -2.51 12.65 -3.41
C AIB F 23 -3.07 13.28 -4.69
O AIB F 23 -2.43 14.21 -5.21
CB1 AIB F 23 -3.23 13.33 -2.23
CB2 AIB F 23 -0.99 12.81 -3.35
N AIB F 24 -4.20 12.79 -5.19
CA AIB F 24 -4.90 13.30 -6.41
C AIB F 24 -3.92 13.31 -7.60
O AIB F 24 -4.11 14.15 -8.51
CB1 AIB F 24 -6.06 12.35 -6.74
CB2 AIB F 24 -5.43 14.70 -6.12
N DLE F 25 -2.97 12.39 -7.63
CA DLE F 25 -1.96 12.33 -8.75
CB DLE F 25 -1.02 11.15 -8.46
CG DLE F 25 -1.61 9.81 -8.82
CD1 DLE F 25 -1.63 9.66 -10.30
CD2 DLE F 25 -0.83 8.66 -8.19
C DLE F 25 -1.19 13.65 -8.87
O DLE F 25 -0.66 13.91 -9.88
N DLY F 26 -1.05 14.41 -7.82
CA DLY F 26 -0.41 15.76 -7.82
C DLY F 26 -1.02 16.62 -8.93
O DLY F 26 -0.24 17.34 -9.65
CB DLY F 26 -0.69 16.39 -6.45
CG DLY F 26 -0.09 17.75 -6.21
CD DLY F 26 -0.30 18.27 -4.82
CE DLY F 26 0.26 19.68 -4.67
NZ DLY F 26 -0.20 20.35 -3.43
N AIB F 27 -2.35 16.53 -9.11
CA AIB F 27 -3.09 17.34 -10.12
C AIB F 27 -2.45 17.06 -11.50
O AIB F 27 -2.26 17.98 -12.33
CB1 AIB F 27 -4.55 16.90 -10.11
CB2 AIB F 27 -3.01 18.82 -9.79
N AIB F 28 -2.13 15.79 -11.73
CA AIB F 28 -1.68 15.25 -13.07
C AIB F 28 -0.39 15.97 -13.48
O AIB F 28 -0.21 16.14 -14.70
CB1 AIB F 28 -1.35 13.77 -12.91
CB2 AIB F 28 -2.77 15.46 -14.09
N AIB F 29 0.45 16.36 -12.52
CA AIB F 29 1.77 17.00 -12.80
C AIB F 29 1.49 18.28 -13.59
O AIB F 29 2.36 18.68 -14.41
CB1 AIB F 29 2.44 17.40 -11.49
CB2 AIB F 29 2.67 16.06 -13.60
N BF7 F 30 0.36 18.94 -13.31
CA BF7 F 30 0.16 20.32 -13.78
C BF7 F 30 -0.74 20.23 -15.00
O BF7 F 30 -1.38 21.21 -15.36
CB BF7 F 30 -0.29 21.30 -12.69
CG BF7 F 30 0.90 21.50 -11.78
CD1 BF7 F 30 2.06 22.12 -12.20
CD2 BF7 F 30 0.86 20.95 -10.50
CE1 BF7 F 30 3.16 22.31 -11.37
CE2 BF7 F 30 1.94 21.12 -9.65
CZ BF7 F 30 3.07 21.79 -10.09
BR BF7 F 30 4.53 21.94 -8.89
N DLY F 31 -0.85 19.07 -15.61
CA DLY F 31 -1.39 18.79 -16.97
C DLY F 31 -2.79 18.23 -16.78
O DLY F 31 -2.94 17.12 -17.30
CB DLY F 31 -1.36 19.99 -17.93
CG DLY F 31 -2.60 20.11 -18.82
CD DLY F 31 -2.63 21.33 -19.73
CE DLY F 31 -1.42 21.50 -20.63
NZ DLY F 31 -1.00 20.24 -21.29
N GLY G 2 -9.52 -3.85 26.37
CA GLY G 2 -10.25 -5.12 26.09
C GLY G 2 -11.14 -4.96 24.88
N DGL G 3 -11.34 -6.05 24.12
CA DGL G 3 -12.01 -6.08 22.80
C DGL G 3 -11.05 -5.55 21.69
O DGL G 3 -11.55 -5.13 20.60
CB DGL G 3 -12.46 -7.52 22.54
CG DGL G 3 -13.66 -7.68 21.61
CD DGL G 3 -14.08 -9.12 21.33
OE1 DGL G 3 -13.78 -9.98 22.18
OE2 DGL G 3 -14.69 -9.38 20.26
N DLE G 4 -9.75 -5.54 21.97
CA DLE G 4 -8.69 -4.98 21.12
CB DLE G 4 -7.34 -5.55 21.61
CG DLE G 4 -7.17 -7.06 21.51
CD1 DLE G 4 -7.81 -7.60 20.24
CD2 DLE G 4 -5.70 -7.43 21.58
C DLE G 4 -8.65 -3.44 21.19
O DLE G 4 -7.72 -2.86 20.61
N AIB G 5 -9.58 -2.80 21.90
CA AIB G 5 -9.75 -1.32 21.93
C AIB G 5 -9.85 -0.82 20.47
O AIB G 5 -9.41 0.32 20.20
CB1 AIB G 5 -11.05 -0.98 22.64
CB2 AIB G 5 -8.51 -0.74 22.62
N AIB G 6 -10.41 -1.67 19.60
CA AIB G 6 -10.67 -1.41 18.16
C AIB G 6 -9.36 -0.95 17.47
O AIB G 6 -9.45 -0.14 16.52
CB1 AIB G 6 -11.16 -2.70 17.50
CB2 AIB G 6 -11.76 -0.33 18.11
N DLE G 7 -8.21 -1.48 17.91
CA DLE G 7 -6.91 -1.22 17.26
CB DLE G 7 -5.84 -2.12 17.89
CG DLE G 7 -5.96 -3.62 17.65
CD1 DLE G 7 -6.31 -3.92 16.22
CD2 DLE G 7 -4.66 -4.31 18.04
C DLE G 7 -6.49 0.26 17.37
O DLE G 7 -5.58 0.67 16.64
N DLY G 8 -7.13 1.03 18.23
CA DLY G 8 -6.90 2.50 18.30
C DLY G 8 -7.27 3.15 16.96
O DLY G 8 -6.74 4.23 16.68
CB DLY G 8 -7.65 3.07 19.51
CG DLY G 8 -6.77 3.18 20.75
CD DLY G 8 -7.44 2.98 22.12
CE DLY G 8 -6.37 2.69 23.17
NZ DLY G 8 -6.75 3.17 24.52
N DGL G 9 -8.15 2.52 16.17
CA DGL G 9 -8.61 3.05 14.87
C DGL G 9 -7.42 3.12 13.89
O DGL G 9 -7.51 3.91 12.92
CB DGL G 9 -9.77 2.22 14.34
CG DGL G 9 -11.02 2.29 15.19
CD DGL G 9 -12.24 1.50 14.73
OE1 DGL G 9 -13.29 1.67 15.38
OE2 DGL G 9 -12.16 0.64 13.83
N DLE G 10 -6.34 2.38 14.15
CA DLE G 10 -5.12 2.40 13.31
CB DLE G 10 -4.12 1.34 13.80
CG DLE G 10 -4.56 -0.10 13.57
CD1 DLE G 10 -4.86 -0.38 12.09
CD2 DLE G 10 -3.53 -1.06 14.13
C DLE G 10 -4.47 3.80 13.30
O DLE G 10 -3.64 4.06 12.44
N AIB G 11 -4.83 4.66 14.25
CA AIB G 11 -4.43 6.10 14.26
C AIB G 11 -4.68 6.70 12.83
O AIB G 11 -3.88 7.58 12.42
CB1 AIB G 11 -5.27 6.83 15.29
CB2 AIB G 11 -2.94 6.17 14.59
N AIB G 12 -5.74 6.25 12.14
CA AIB G 12 -6.16 6.72 10.79
C AIB G 12 -4.96 6.72 9.80
O AIB G 12 -4.94 7.53 8.88
CB1 AIB G 12 -7.21 5.76 10.25
CB2 AIB G 12 -6.75 8.12 10.94
N DLE G 13 -4.03 5.79 9.96
CA DLE G 13 -2.90 5.62 9.02
CB DLE G 13 -2.12 4.36 9.43
CG DLE G 13 -2.89 3.06 9.32
CD1 DLE G 13 -3.82 3.06 8.12
CD2 DLE G 13 -1.93 1.88 9.32
C DLE G 13 -2.00 6.86 9.04
O DLE G 13 -1.22 7.01 8.09
N DLY G 14 -2.12 7.75 10.03
CA DLY G 14 -1.34 9.03 10.04
C DLY G 14 -1.70 9.88 8.80
O DLY G 14 -0.87 10.72 8.38
CB DLY G 14 -1.59 9.74 11.36
CG DLY G 14 -0.88 9.03 12.52
CD DLY G 14 -1.14 9.50 13.92
CE DLY G 14 0.12 9.58 14.80
NZ DLY G 14 1.05 8.43 14.64
N DGL G 15 -2.88 9.63 8.22
CA DGL G 15 -3.35 10.35 7.02
C DGL G 15 -2.46 10.05 5.81
O DGL G 15 -2.50 10.82 4.85
CB DGL G 15 -4.79 9.97 6.73
CG DGL G 15 -5.75 10.50 7.79
CD DGL G 15 -7.22 10.20 7.54
OE1 DGL G 15 -8.03 10.51 8.42
OE2 DGL G 15 -7.55 9.64 6.48
N DLE G 16 -1.68 8.96 5.85
CA DLE G 16 -0.77 8.60 4.73
CB DLE G 16 -0.17 7.22 5.00
CG DLE G 16 -1.17 6.07 4.91
CD1 DLE G 16 -1.80 5.96 3.52
CD2 DLE G 16 -0.51 4.77 5.35
C DLE G 16 0.29 9.67 4.57
O DLE G 16 0.93 9.65 3.53
N AIB G 17 0.49 10.56 5.54
CA AIB G 17 1.40 11.76 5.40
C AIB G 17 1.05 12.49 4.08
O AIB G 17 1.97 13.07 3.49
CB1 AIB G 17 1.10 12.72 6.55
CB2 AIB G 17 2.85 11.26 5.34
N AIB G 18 -0.21 12.44 3.65
CA AIB G 18 -0.69 13.12 2.39
C AIB G 18 0.20 12.67 1.20
O AIB G 18 0.33 13.43 0.25
CB1 AIB G 18 -2.14 12.69 2.15
CB2 AIB G 18 -0.60 14.61 2.64
N DLE G 19 0.74 11.45 1.21
CA DLE G 19 1.48 10.90 0.05
CB DLE G 19 1.73 9.40 0.26
CG DLE G 19 0.48 8.54 0.29
CD1 DLE G 19 -0.50 8.91 -0.79
CD2 DLE G 19 0.87 7.09 0.23
C DLE G 19 2.79 11.65 -0.16
O DLE G 19 3.33 11.52 -1.27
N DLY G 20 3.25 12.50 0.75
CA DLY G 20 4.43 13.39 0.48
C DLY G 20 4.16 14.34 -0.70
O DLY G 20 5.09 14.79 -1.36
CB DLY G 20 4.84 14.12 1.75
CG DLY G 20 5.64 13.23 2.71
CD DLY G 20 7.15 13.56 2.65
CE DLY G 20 8.09 12.49 3.15
NZ DLY G 20 9.30 12.42 2.30
N DGL G 21 2.89 14.62 -0.97
CA DGL G 21 2.47 15.49 -2.08
C DGL G 21 2.79 14.86 -3.45
O DGL G 21 2.72 15.58 -4.45
CB DGL G 21 0.98 15.81 -1.96
CG DGL G 21 0.66 16.57 -0.69
CD DGL G 21 -0.73 17.12 -0.57
OE1 DGL G 21 -0.91 17.94 0.34
OE2 DGL G 21 -1.67 16.68 -1.30
N DLE G 22 3.04 13.56 -3.50
CA DLE G 22 3.41 12.88 -4.78
CB DLE G 22 3.60 11.38 -4.54
CG DLE G 22 2.33 10.58 -4.35
CD1 DLE G 22 1.53 10.51 -5.65
CD2 DLE G 22 2.68 9.21 -3.80
C DLE G 22 4.72 13.47 -5.32
O DLE G 22 4.97 13.29 -6.52
N AIB G 23 5.51 14.15 -4.47
CA AIB G 23 6.74 14.87 -4.91
C AIB G 23 6.42 15.74 -6.14
O AIB G 23 7.28 15.85 -7.03
CB1 AIB G 23 7.15 15.76 -3.75
CB2 AIB G 23 7.81 13.84 -5.27
N AIB G 24 5.21 16.30 -6.19
CA AIB G 24 4.76 17.22 -7.27
C AIB G 24 4.95 16.55 -8.66
O AIB G 24 5.12 17.26 -9.65
CB1 AIB G 24 3.27 17.54 -7.07
CB2 AIB G 24 5.58 18.53 -7.19
N DLE G 25 4.84 15.25 -8.76
CA DLE G 25 4.98 14.51 -10.06
CB DLE G 25 4.81 13.03 -9.78
CG DLE G 25 3.38 12.58 -9.53
CD1 DLE G 25 2.49 12.80 -10.73
CD2 DLE G 25 3.38 11.14 -9.05
C DLE G 25 6.35 14.78 -10.71
O DLE G 25 6.48 14.69 -11.92
N DLY G 26 7.36 15.09 -9.92
CA DLY G 26 8.72 15.43 -10.44
C DLY G 26 8.64 16.62 -11.39
O DLY G 26 9.46 16.69 -12.28
CB DLY G 26 9.67 15.63 -9.27
CG DLY G 26 10.07 14.29 -8.65
CD DLY G 26 10.95 14.39 -7.41
CE DLY G 26 11.21 13.00 -6.88
NZ DLY G 26 11.99 12.99 -5.62
N AIB G 27 7.68 17.52 -11.23
CA AIB G 27 7.44 18.71 -12.11
C AIB G 27 7.43 18.24 -13.57
O AIB G 27 7.74 19.07 -14.43
CB1 AIB G 27 6.07 19.29 -11.77
CB2 AIB G 27 8.56 19.71 -11.90
N AIB G 28 6.96 17.01 -13.82
CA AIB G 28 6.83 16.43 -15.19
C AIB G 28 8.14 16.55 -15.99
O AIB G 28 8.08 16.55 -17.19
CB1 AIB G 28 6.50 14.95 -15.01
CB2 AIB G 28 5.74 17.21 -15.93
N AIB G 29 9.29 16.59 -15.30
CA AIB G 29 10.64 16.84 -15.89
C AIB G 29 10.61 18.03 -16.86
O AIB G 29 11.34 18.01 -17.83
CB1 AIB G 29 11.60 17.19 -14.75
CB2 AIB G 29 11.00 15.57 -16.63
N BF7 G 30 9.78 19.04 -16.57
CA BF7 G 30 9.73 20.29 -17.31
C BF7 G 30 8.38 20.43 -18.00
O BF7 G 30 7.71 21.48 -17.94
CB BF7 G 30 9.96 21.45 -16.35
CG BF7 G 30 11.43 21.48 -16.00
CD1 BF7 G 30 12.33 21.89 -16.95
CD2 BF7 G 30 11.83 21.08 -14.75
CE1 BF7 G 30 13.68 21.92 -16.65
CE2 BF7 G 30 13.17 21.11 -14.44
CZ BF7 G 30 14.07 21.52 -15.39
BR BF7 G 30 15.95 21.55 -14.94
N DLY G 31 8.01 19.36 -18.68
CA DLY G 31 6.85 19.26 -19.64
C DLY G 31 7.07 20.23 -20.81
O DLY G 31 6.44 21.31 -20.85
CB DLY G 31 6.74 17.80 -20.10
CG DLY G 31 5.66 17.53 -21.14
CD DLY G 31 4.38 16.95 -20.56
CE DLY G 31 3.22 16.91 -21.53
NZ DLY G 31 2.80 18.27 -21.94
N DGL H 3 -6.45 -6.73 27.57
CA DGL H 3 -4.97 -6.70 27.69
C DGL H 3 -4.39 -6.59 26.26
O DGL H 3 -5.00 -5.91 25.44
CB DGL H 3 -4.52 -5.58 28.63
CG DGL H 3 -5.28 -4.26 28.51
CD DGL H 3 -4.84 -3.15 29.52
OE1 DGL H 3 -3.74 -3.16 30.04
OE2 DGL H 3 -5.65 -2.19 29.62
N DLE H 4 -3.24 -7.24 26.01
CA DLE H 4 -2.50 -7.14 24.73
CB DLE H 4 -1.56 -8.35 24.64
CG DLE H 4 -2.25 -9.72 24.55
CD1 DLE H 4 -3.53 -9.66 23.72
CD2 DLE H 4 -1.29 -10.77 23.99
C DLE H 4 -1.68 -5.84 24.66
O DLE H 4 -0.98 -5.68 23.65
N AIB H 5 -1.79 -4.93 25.62
CA AIB H 5 -1.23 -3.54 25.54
C AIB H 5 -1.73 -2.90 24.22
O AIB H 5 -1.00 -2.06 23.65
CB1 AIB H 5 -1.73 -2.69 26.70
CB2 AIB H 5 0.29 -3.68 25.54
N AIB H 6 -2.95 -3.27 23.81
CA AIB H 6 -3.65 -2.74 22.60
C AIB H 6 -2.74 -2.90 21.35
O AIB H 6 -2.80 -2.05 20.46
CB1 AIB H 6 -4.92 -3.56 22.38
CB2 AIB H 6 -3.99 -1.27 22.89
N DLE H 7 -1.93 -3.98 21.29
CA DLE H 7 -1.11 -4.33 20.11
CB DLE H 7 -0.52 -5.72 20.32
CG DLE H 7 -1.52 -6.86 20.28
CD1 DLE H 7 -2.33 -6.72 19.02
CD2 DLE H 7 -0.83 -8.22 20.34
C DLE H 7 0.00 -3.29 19.89
O DLE H 7 0.60 -3.31 18.82
N DLY H 8 0.27 -2.41 20.84
CA DLY H 8 1.22 -1.29 20.66
C DLY H 8 0.69 -0.37 19.54
O DLY H 8 1.49 0.33 18.93
CB DLY H 8 1.44 -0.56 21.98
CG DLY H 8 0.46 0.57 22.28
CD DLY H 8 0.79 1.32 23.55
CE DLY H 8 1.92 2.31 23.32
NZ DLY H 8 2.71 2.58 24.54
N DGL H 9 -0.61 -0.38 19.27
CA DGL H 9 -1.26 0.45 18.24
C DGL H 9 -0.76 0.03 16.85
O DGL H 9 -0.86 0.83 15.92
CB DGL H 9 -2.78 0.39 18.37
CG DGL H 9 -3.30 0.99 19.68
CD DGL H 9 -2.99 2.46 19.95
OE1 DGL H 9 -2.54 2.81 21.09
OE2 DGL H 9 -3.21 3.23 19.02
N DLE H 10 -0.20 -1.17 16.71
CA DLE H 10 0.38 -1.65 15.44
CB DLE H 10 0.78 -3.11 15.59
CG DLE H 10 -0.19 -4.18 15.05
CD1 DLE H 10 -0.06 -5.46 15.85
CD2 DLE H 10 -1.62 -3.69 15.03
C DLE H 10 1.57 -0.76 15.02
O DLE H 10 1.94 -0.83 13.85
N AIB H 11 2.14 0.03 15.93
CA AIB H 11 3.14 1.08 15.60
C AIB H 11 2.63 1.92 14.42
O AIB H 11 3.45 2.31 13.60
CB1 AIB H 11 3.31 2.02 16.80
CB2 AIB H 11 4.46 0.40 15.24
N AIB H 12 1.31 2.15 14.32
CA AIB H 12 0.64 2.93 13.26
C AIB H 12 1.11 2.48 11.85
O AIB H 12 1.15 3.31 10.91
CB1 AIB H 12 -0.88 2.68 13.32
CB2 AIB H 12 0.95 4.39 13.53
N DLE H 13 1.40 1.20 11.68
CA DLE H 13 1.73 0.63 10.35
CB DLE H 13 1.75 -0.89 10.47
CG DLE H 13 0.39 -1.51 10.80
CD1 DLE H 13 -0.52 -1.45 9.62
CD2 DLE H 13 0.54 -2.95 11.20
C DLE H 13 3.05 1.20 9.85
O DLE H 13 3.29 1.12 8.66
N DLY H 14 3.87 1.82 10.70
CA DLY H 14 5.12 2.50 10.29
C DLY H 14 4.79 3.62 9.31
O DLY H 14 5.68 4.00 8.53
CB DLY H 14 5.88 3.04 11.51
CG DLY H 14 5.34 4.39 11.98
CD DLY H 14 5.88 4.90 13.30
CE DLY H 14 5.01 6.05 13.79
NZ DLY H 14 5.63 6.75 14.93
N DGL H 15 3.58 4.15 9.33
CA DGL H 15 3.14 5.23 8.42
C DGL H 15 3.12 4.73 6.98
O DGL H 15 3.09 5.56 6.08
CB DGL H 15 1.76 5.73 8.84
CG DGL H 15 1.78 6.41 10.19
CD DGL H 15 2.57 7.70 10.37
OE1 DGL H 15 3.16 7.86 11.45
OE2 DGL H 15 2.52 8.55 9.47
N DLE H 16 3.08 3.41 6.74
CA DLE H 16 3.11 2.85 5.36
CB DLE H 16 2.93 1.33 5.43
CG DLE H 16 1.55 0.69 5.18
CD1 DLE H 16 1.20 -0.37 6.22
CD2 DLE H 16 0.39 1.64 4.98
C DLE H 16 4.48 3.20 4.70
O DLE H 16 4.58 3.07 3.51
N AIB H 17 5.50 3.65 5.45
CA AIB H 17 6.75 4.25 4.88
C AIB H 17 6.38 5.32 3.83
O AIB H 17 7.13 5.47 2.86
CB1 AIB H 17 7.53 4.94 5.99
CB2 AIB H 17 7.57 3.15 4.21
N AIB H 18 5.25 6.02 4.01
CA AIB H 18 4.78 7.08 3.08
C AIB H 18 4.68 6.51 1.64
O AIB H 18 4.80 7.26 0.68
CB1 AIB H 18 3.40 7.57 3.54
CB2 AIB H 18 5.78 8.24 3.14
N DLE H 19 4.41 5.23 1.47
CA DLE H 19 4.20 4.59 0.14
CB DLE H 19 3.72 3.14 0.38
CG DLE H 19 2.22 2.83 0.31
CD1 DLE H 19 1.85 1.62 1.16
CD2 DLE H 19 1.36 4.02 0.62
C DLE H 19 5.50 4.62 -0.69
O DLE H 19 5.43 4.44 -1.88
N DLY H 20 6.65 4.89 -0.08
CA DLY H 20 7.92 5.05 -0.80
C DLY H 20 7.85 6.25 -1.75
O DLY H 20 8.62 6.29 -2.70
CB DLY H 20 9.09 5.25 0.17
CG DLY H 20 9.14 6.66 0.72
CD DLY H 20 10.07 6.81 1.89
CE DLY H 20 10.32 8.26 2.29
NZ DLY H 20 11.00 8.26 3.60
N DGL H 21 6.93 7.20 -1.52
CA DGL H 21 6.76 8.36 -2.42
C DGL H 21 6.18 7.91 -3.77
O DGL H 21 6.17 8.72 -4.68
CB DGL H 21 5.86 9.41 -1.75
CG DGL H 21 6.44 9.94 -0.44
CD DGL H 21 7.73 10.73 -0.61
OE1 DGL H 21 8.67 10.55 0.22
OE2 DGL H 21 7.80 11.54 -1.56
N DLE H 22 5.66 6.72 -3.89
CA DLE H 22 5.19 6.17 -5.20
CB DLE H 22 4.52 4.80 -5.00
CG DLE H 22 3.00 4.71 -4.95
CD1 DLE H 22 2.54 3.84 -3.80
CD2 DLE H 22 2.34 6.05 -4.95
C DLE H 22 6.38 6.07 -6.17
O DLE H 22 6.13 5.93 -7.33
N AIB H 23 7.62 6.12 -5.71
CA AIB H 23 8.84 6.25 -6.56
C AIB H 23 8.59 7.35 -7.63
O AIB H 23 9.06 7.22 -8.80
CB1 AIB H 23 10.00 6.69 -5.66
CB2 AIB H 23 9.11 4.92 -7.26
N AIB H 24 7.90 8.42 -7.20
CA AIB H 24 7.59 9.62 -8.01
C AIB H 24 6.91 9.21 -9.33
O AIB H 24 7.01 9.98 -10.28
CB1 AIB H 24 6.59 10.48 -7.22
CB2 AIB H 24 8.92 10.32 -8.25
N DLE H 25 6.20 8.10 -9.37
CA DLE H 25 5.47 7.61 -10.57
CB DLE H 25 4.69 6.37 -10.19
CG DLE H 25 3.22 6.57 -9.81
CD1 DLE H 25 2.62 5.36 -9.14
CD2 DLE H 25 3.10 7.68 -8.84
C DLE H 25 6.46 7.36 -11.71
O DLE H 25 6.02 7.43 -12.84
N DLY H 26 7.76 7.17 -11.50
CA DLY H 26 8.70 7.14 -12.67
C DLY H 26 8.48 8.38 -13.57
O DLY H 26 8.36 8.31 -14.79
CB DLY H 26 10.15 7.38 -12.27
CG DLY H 26 10.84 6.31 -11.46
CD DLY H 26 11.87 6.88 -10.46
CE DLY H 26 13.28 6.97 -10.96
NZ DLY H 26 13.94 8.18 -10.41
N AIB H 27 8.45 9.52 -12.88
CA AIB H 27 8.46 10.88 -13.51
C AIB H 27 7.24 10.93 -14.45
O AIB H 27 7.32 11.65 -15.48
CB1 AIB H 27 8.27 11.96 -12.43
CB2 AIB H 27 9.76 11.08 -14.31
N AIB H 28 6.16 10.25 -14.07
CA AIB H 28 4.85 10.31 -14.78
C AIB H 28 5.02 9.90 -16.25
O AIB H 28 4.21 10.35 -17.04
CB1 AIB H 28 3.89 9.30 -14.14
CB2 AIB H 28 4.29 11.74 -14.71
N AIB H 29 5.99 9.06 -16.58
CA AIB H 29 6.35 8.68 -17.98
C AIB H 29 6.46 9.94 -18.88
O AIB H 29 6.15 9.79 -20.07
CB1 AIB H 29 7.72 8.03 -17.99
CB2 AIB H 29 5.21 7.78 -18.46
N BF7 H 30 6.83 11.09 -18.34
CA BF7 H 30 7.21 12.21 -19.21
C BF7 H 30 5.99 13.12 -19.45
O BF7 H 30 6.13 14.17 -20.08
CB BF7 H 30 8.41 12.96 -18.62
CG BF7 H 30 9.58 12.05 -18.97
CD1 BF7 H 30 9.77 11.73 -20.30
CD2 BF7 H 30 10.41 11.52 -17.99
CE1 BF7 H 30 10.81 10.89 -20.67
CE2 BF7 H 30 11.45 10.69 -18.36
CZ BF7 H 30 11.64 10.37 -19.70
BR BF7 H 30 13.09 9.20 -20.24
N DLY H 31 4.82 12.68 -18.97
CA DLY H 31 3.55 13.45 -19.06
C DLY H 31 2.81 13.08 -20.36
O DLY H 31 2.85 11.97 -20.92
CB DLY H 31 2.72 13.23 -17.79
CG DLY H 31 2.55 14.48 -16.97
CD DLY H 31 1.94 15.60 -17.78
CE DLY H 31 2.20 16.96 -17.21
NZ DLY H 31 1.67 18.03 -18.09
C1 PGE I . 10.53 8.00 -30.44
O1 PGE I . 10.78 9.39 -30.46
C2 PGE I . 11.64 7.24 -29.79
O2 PGE I . 11.56 7.37 -28.38
C3 PGE I . 12.47 6.52 -27.68
C4 PGE I . 12.05 6.34 -26.26
O4 PGE I . 10.90 9.50 -24.16
C6 PGE I . 11.06 8.28 -23.47
C5 PGE I . 12.06 7.39 -24.14
O3 PGE I . 12.00 7.57 -25.56
C1 PGE J . 14.03 -7.33 -14.90
O1 PGE J . 13.18 -7.39 -16.00
C2 PGE J . 14.36 -5.92 -14.53
O2 PGE J . 13.17 -5.14 -14.42
C3 PGE J . 13.14 -4.34 -13.24
C4 PGE J . 12.62 -5.15 -12.09
O4 PGE J . 15.77 -3.37 -9.78
C6 PGE J . 14.46 -3.16 -10.25
C5 PGE J . 13.57 -4.35 -10.04
O3 PGE J . 12.47 -4.31 -10.95
C1 EDO K . 15.95 -4.68 -1.20
O1 EDO K . 14.77 -5.46 -1.33
C2 EDO K . 17.07 -5.15 -2.05
O2 EDO K . 17.32 -4.32 -3.17
S SO4 L . 8.46 12.16 -24.13
O1 SO4 L . 9.67 11.51 -23.67
O2 SO4 L . 7.63 12.46 -23.01
O3 SO4 L . 7.74 11.29 -25.01
O4 SO4 L . 8.79 13.37 -24.84
C1 PEG M . 16.98 -2.20 -14.67
O1 PEG M . 16.44 -3.01 -13.63
C2 PEG M . 16.34 -0.85 -14.75
O2 PEG M . 17.33 0.18 -14.81
C3 PEG M . 17.14 1.21 -13.83
C4 PEG M . 17.62 2.54 -14.33
O4 PEG M . 17.15 3.64 -13.54
C1 PEG N . 6.97 -8.34 -15.81
O1 PEG N . 7.31 -8.24 -17.17
C2 PEG N . 7.78 -7.42 -14.98
O2 PEG N . 6.94 -6.54 -14.26
C3 PEG N . 7.36 -6.28 -12.92
C4 PEG N . 8.25 -5.07 -12.85
O4 PEG N . 9.57 -5.37 -12.39
C1 EDO O . 16.71 1.74 -9.62
O1 EDO O . 16.22 1.59 -10.94
C2 EDO O . 16.81 0.48 -8.81
O2 EDO O . 16.96 -0.70 -9.57
C5 PG0 P . 11.92 -6.51 -1.23
O2 PG0 P . 11.03 -7.50 -0.72
C4 PG0 P . 11.48 -8.24 0.42
C3 PG0 P . 10.85 -9.60 0.49
O1 PG0 P . 11.29 -10.23 1.68
C2 PG0 P . 11.28 -11.66 1.64
C1 PG0 P . 12.35 -12.20 2.58
OTT PG0 P . 11.90 -13.31 3.36
C1 EDO Q . 9.24 -8.50 -10.51
O1 EDO Q . 8.57 -7.51 -9.74
C2 EDO Q . 9.14 -9.85 -9.93
O2 EDO Q . 10.28 -10.19 -9.16
C1 PEG R . 11.76 -9.43 -3.76
O1 PEG R . 10.89 -8.32 -3.62
C2 PEG R . 12.72 -9.31 -4.93
O2 PEG R . 12.25 -8.34 -5.86
C3 PEG R . 13.07 -8.25 -7.02
C4 PEG R . 12.71 -7.03 -7.82
O4 PEG R . 11.99 -7.33 -9.01
C1 EDO S . 16.03 -7.91 4.39
O1 EDO S . 15.44 -7.03 3.45
C2 EDO S . 15.35 -7.92 5.72
O2 EDO S . 15.84 -8.90 6.61
C1 EDO T . 5.04 -10.00 -11.81
O1 EDO T . 4.45 -10.52 -12.99
C2 EDO T . 5.28 -8.54 -11.87
O2 EDO T . 6.20 -8.10 -10.87
C1 PG6 U . -15.24 -1.12 -8.47
O1 PG6 U . -13.84 -0.85 -8.59
C2 PG6 U . -13.03 -1.99 -8.87
C3 PG6 U . -11.58 -1.72 -8.61
O2 PG6 U . -10.75 -2.33 -9.60
C4 PG6 U . -10.69 -1.61 -10.82
C5 PG6 U . -9.51 -2.06 -11.66
O3 PG6 U . -9.95 -2.49 -12.94
C6 PG6 U . -10.09 -3.91 -13.04
C7 PG6 U . -10.89 -4.32 -14.24
O4 PG6 U . -10.16 -4.04 -15.45
C8 PG6 U . -10.16 -5.10 -16.41
C9 PG6 U . -10.20 -4.52 -17.78
O5 PG6 U . -11.15 -3.48 -17.79
C10 PG6 U . -11.47 -2.97 -19.08
C11 PG6 U . -12.88 -2.49 -19.07
O6 PG6 U . -13.01 -1.13 -18.76
C12 PG6 U . -13.99 -0.77 -17.78
S SO4 V . -10.75 -10.61 -6.26
O1 SO4 V . -10.13 -11.73 -5.61
O2 SO4 V . -11.91 -10.22 -5.49
O3 SO4 V . -11.13 -10.93 -7.60
O4 SO4 V . -9.81 -9.52 -6.33
B BO3 W . -13.62 0.05 -13.04
O1 BO3 W . -14.25 -0.13 -14.22
O2 BO3 W . -12.27 0.30 -12.97
O3 BO3 W . -14.37 -0.03 -11.91
C1 EDO X . 5.60 -11.39 -8.58
O1 EDO X . 4.29 -11.79 -8.92
C2 EDO X . 6.49 -12.54 -8.36
O2 EDO X . 7.84 -12.16 -8.12
C1 EDO Y . -9.32 -11.10 -1.69
O1 EDO Y . -9.31 -12.09 -0.69
C2 EDO Y . -7.94 -10.80 -2.15
O2 EDO Y . -7.03 -11.88 -2.08
C1 EDO Z . -7.62 -14.82 -1.90
O1 EDO Z . -8.10 -15.89 -1.10
C2 EDO Z . -6.28 -15.10 -2.51
O2 EDO Z . -5.58 -16.17 -1.89
C1 EDO AA . -0.53 7.99 -14.84
O1 EDO AA . 0.38 7.01 -15.29
C2 EDO AA . 0.10 9.15 -14.13
O2 EDO AA . -0.56 10.40 -14.37
S SO4 BA . -10.86 -6.95 -10.28
O1 SO4 BA . -10.68 -7.77 -9.11
O2 SO4 BA . -11.31 -5.62 -9.91
O3 SO4 BA . -11.83 -7.58 -11.15
O4 SO4 BA . -9.61 -6.86 -10.99
C1 EDO CA . -16.61 5.62 1.64
O1 EDO CA . -17.27 5.22 0.43
C2 EDO CA . -16.37 4.50 2.60
O2 EDO CA . -15.03 4.40 3.07
O1 PG4 DA . -5.10 18.69 -5.27
C1 PG4 DA . -5.03 19.85 -6.09
C2 PG4 DA . -5.60 19.63 -7.45
O2 PG4 DA . -6.99 19.85 -7.46
C3 PG4 DA . -7.50 20.52 -8.61
C4 PG4 DA . -8.74 21.26 -8.24
O3 PG4 DA . -9.89 20.69 -8.85
C5 PG4 DA . -10.82 20.19 -7.89
C6 PG4 DA . -12.18 19.99 -8.52
O4 PG4 DA . -12.38 18.62 -8.86
C7 PG4 DA . -12.88 17.82 -7.79
C8 PG4 DA . -13.09 16.41 -8.25
O5 PG4 DA . -14.31 16.22 -8.95
C1 PEG EA . -9.88 13.87 -3.26
O1 PEG EA . -11.17 14.45 -3.07
C2 PEG EA . -8.99 14.03 -2.08
O2 PEG EA . -7.73 14.60 -2.46
C3 PEG EA . -6.67 14.17 -1.61
C4 PEG EA . -6.92 14.56 -0.17
O4 PEG EA . -6.45 13.59 0.77
C1 EDO FA . -18.38 15.87 -10.05
O1 EDO FA . -18.74 14.56 -9.64
C2 EDO FA . -17.28 16.47 -9.27
O2 EDO FA . -17.68 17.56 -8.46
C1 PEG GA . -12.25 4.56 4.63
O1 PEG GA . -12.11 5.34 3.45
C2 PEG GA . -11.20 4.88 5.65
O2 PEG GA . -11.61 4.43 6.95
C3 PEG GA . -10.71 4.84 7.98
C4 PEG GA . -11.26 6.01 8.71
O4 PEG GA . -10.31 7.04 8.87
C1 PEG HA . -8.19 20.17 -4.17
O1 PEG HA . -7.68 19.65 -2.95
C2 PEG HA . -9.60 20.66 -4.08
O2 PEG HA . -10.49 19.63 -3.63
C3 PEG HA . -11.63 19.45 -4.48
C4 PEG HA . -12.63 18.56 -3.81
O4 PEG HA . -13.05 17.51 -4.65
C1 EDO IA . -16.20 16.91 -5.68
O1 EDO IA . -16.48 17.98 -4.80
C2 EDO IA . -17.24 15.84 -5.63
O2 EDO IA . -16.71 14.56 -5.35
B BO3 JA . -14.52 -12.97 -4.51
O1 BO3 JA . -13.34 -13.12 -5.19
O2 BO3 JA . -14.95 -13.96 -3.67
O3 BO3 JA . -15.29 -11.85 -4.66
C1 EDO KA . -16.69 7.99 -4.91
O1 EDO KA . -17.14 6.68 -5.17
C2 EDO KA . -16.20 8.68 -6.14
O2 EDO KA . -15.88 10.04 -5.93
C1 PEG LA . -2.20 22.77 -3.99
O1 PEG LA . -3.04 21.63 -4.22
C2 PEG LA . -1.24 23.02 -5.13
O2 PEG LA . 0.09 23.28 -4.66
C3 PEG LA . 1.04 23.47 -5.70
C4 PEG LA . 2.13 22.42 -5.67
O4 PEG LA . 2.63 22.17 -4.37
C1 PEG MA . 5.10 17.97 11.46
O1 PEG MA . 5.28 19.14 10.68
C2 PEG MA . 4.95 16.74 10.60
O2 PEG MA . 5.47 15.61 11.29
C3 PEG MA . 4.59 15.07 12.27
C4 PEG MA . 5.35 14.69 13.51
O4 PEG MA . 5.06 15.54 14.60
C1 EDO NA . -0.64 14.14 12.68
O1 EDO NA . -1.77 14.76 13.27
C2 EDO NA . 0.44 13.84 13.65
O2 EDO NA . -0.03 13.73 14.98
#